data_4KOO
#
_entry.id   4KOO
#
_cell.length_a   81.592
_cell.length_b   180.685
_cell.length_c   116.069
_cell.angle_alpha   90.000
_cell.angle_beta   90.000
_cell.angle_gamma   90.000
#
_symmetry.space_group_name_H-M   'C 2 2 21'
#
loop_
_entity.id
_entity.type
_entity.pdbx_description
1 polymer 'Single-stranded DNA-binding protein WHY1, chloroplastic'
2 non-polymer '2-(N-MORPHOLINO)-ETHANESULFONIC ACID'
3 non-polymer 'NICKEL (II) ION'
4 non-polymer 'PHOSPHATE ION'
5 water water
#
_entity_poly.entity_id   1
_entity_poly.type   'polypeptide(L)'
_entity_poly.pdbx_seq_one_letter_code
;MAEGLPARFYVGHSIYKGKAALTVDPRAPEFVALDSGAFKLSKDGFLLLQFAPSAGVRQYDWSKKQVFSLSVTEIGTLVS
LGPRESCEFFHDPFKGKSDEGKVRKVLKVEPLPDGSGHFFNLSVQNKLVNVDESIYIPITRAEFAVLISAFNFVLPYLIG
WHAFANSIKAAALEHHHHHH
;
_entity_poly.pdbx_strand_id   A,B,C,D
#
loop_
_chem_comp.id
_chem_comp.type
_chem_comp.name
_chem_comp.formula
MES non-polymer '2-(N-MORPHOLINO)-ETHANESULFONIC ACID' 'C6 H13 N O4 S'
NI non-polymer 'NICKEL (II) ION' 'Ni 2'
PO4 non-polymer 'PHOSPHATE ION' 'O4 P -3'
#
# COMPACT_ATOMS: atom_id res chain seq x y z
N LEU A 5 -48.58 -7.11 -11.31
CA LEU A 5 -47.32 -7.75 -10.95
C LEU A 5 -46.21 -6.71 -10.84
N PRO A 6 -45.22 -6.97 -9.97
CA PRO A 6 -44.05 -6.09 -9.85
C PRO A 6 -43.08 -6.32 -10.99
N ALA A 7 -42.34 -5.27 -11.33
CA ALA A 7 -41.41 -5.34 -12.45
C ALA A 7 -40.33 -6.41 -12.25
N ARG A 8 -40.02 -7.14 -13.31
CA ARG A 8 -38.94 -8.09 -13.30
C ARG A 8 -37.70 -7.57 -14.06
N PHE A 9 -36.55 -7.67 -13.40
CA PHE A 9 -35.31 -7.06 -13.88
C PHE A 9 -34.26 -8.11 -14.20
N TYR A 10 -33.61 -7.96 -15.34
CA TYR A 10 -32.45 -8.78 -15.65
C TYR A 10 -31.22 -7.88 -15.55
N VAL A 11 -30.24 -8.33 -14.77
CA VAL A 11 -29.12 -7.49 -14.45
C VAL A 11 -27.79 -8.23 -14.54
N GLY A 12 -27.71 -9.16 -15.49
CA GLY A 12 -26.44 -9.74 -15.89
C GLY A 12 -25.28 -8.78 -16.02
N HIS A 13 -24.18 -9.14 -15.39
CA HIS A 13 -22.95 -8.40 -15.45
C HIS A 13 -21.90 -9.20 -16.22
N SER A 14 -21.38 -8.57 -17.26
CA SER A 14 -20.55 -9.24 -18.24
C SER A 14 -19.15 -8.67 -18.32
N ILE A 15 -18.24 -9.56 -18.63
CA ILE A 15 -16.86 -9.22 -18.95
C ILE A 15 -16.56 -9.85 -20.28
N TYR A 16 -16.18 -9.02 -21.25
CA TYR A 16 -15.87 -9.44 -22.60
C TYR A 16 -14.36 -9.40 -22.88
N LYS A 17 -13.74 -10.52 -23.25
CA LYS A 17 -12.30 -10.52 -23.57
C LYS A 17 -12.05 -11.08 -24.98
N GLY A 18 -10.78 -11.23 -25.34
CA GLY A 18 -10.38 -11.57 -26.68
C GLY A 18 -10.91 -12.91 -27.17
N LYS A 19 -10.87 -13.91 -26.30
CA LYS A 19 -11.27 -15.26 -26.68
C LYS A 19 -12.51 -15.79 -25.97
N ALA A 20 -13.07 -15.04 -25.04
CA ALA A 20 -14.17 -15.53 -24.23
C ALA A 20 -14.89 -14.39 -23.54
N ALA A 21 -16.14 -14.66 -23.19
CA ALA A 21 -16.97 -13.76 -22.42
C ALA A 21 -17.53 -14.48 -21.18
N LEU A 22 -17.74 -13.73 -20.12
CA LEU A 22 -18.37 -14.19 -18.88
C LEU A 22 -19.54 -13.27 -18.51
N THR A 23 -20.70 -13.85 -18.28
CA THR A 23 -21.84 -13.13 -17.76
C THR A 23 -22.22 -13.74 -16.43
N VAL A 24 -22.43 -12.88 -15.44
CA VAL A 24 -22.86 -13.34 -14.12
C VAL A 24 -24.25 -12.81 -13.81
N ASP A 25 -25.19 -13.70 -13.55
CA ASP A 25 -26.57 -13.32 -13.22
C ASP A 25 -26.93 -13.79 -11.85
N PRO A 26 -27.47 -12.89 -11.01
CA PRO A 26 -28.02 -13.27 -9.73
C PRO A 26 -29.38 -13.95 -9.85
N ARG A 27 -29.60 -14.95 -9.03
CA ARG A 27 -30.89 -15.64 -8.97
C ARG A 27 -31.45 -15.58 -7.57
N ALA A 28 -32.69 -15.12 -7.49
CA ALA A 28 -33.31 -14.88 -6.20
C ALA A 28 -33.55 -16.13 -5.43
N PRO A 29 -33.57 -16.00 -4.11
CA PRO A 29 -34.05 -17.06 -3.26
C PRO A 29 -35.53 -17.31 -3.56
N GLU A 30 -36.01 -18.52 -3.27
CA GLU A 30 -37.44 -18.86 -3.33
C GLU A 30 -38.04 -18.91 -1.94
N PHE A 31 -39.30 -18.48 -1.85
CA PHE A 31 -40.07 -18.55 -0.61
C PHE A 31 -41.39 -19.31 -0.85
N VAL A 32 -41.98 -19.80 0.22
CA VAL A 32 -43.32 -20.37 0.17
C VAL A 32 -44.23 -19.58 1.09
N ALA A 33 -45.49 -19.47 0.71
CA ALA A 33 -46.51 -18.94 1.62
C ALA A 33 -46.86 -20.01 2.65
N LEU A 34 -47.08 -19.60 3.89
CA LEU A 34 -47.51 -20.55 4.91
C LEU A 34 -49.00 -20.35 5.15
N ASP A 35 -49.62 -21.31 5.85
CA ASP A 35 -51.05 -21.22 6.16
C ASP A 35 -51.36 -19.91 6.88
N SER A 36 -50.42 -19.45 7.70
CA SER A 36 -50.56 -18.22 8.46
C SER A 36 -50.42 -16.96 7.60
N GLY A 37 -50.00 -17.14 6.36
CA GLY A 37 -49.73 -16.02 5.49
C GLY A 37 -48.28 -15.56 5.58
N ALA A 38 -47.50 -16.18 6.45
CA ALA A 38 -46.08 -15.87 6.54
C ALA A 38 -45.30 -16.59 5.45
N PHE A 39 -44.14 -16.04 5.09
CA PHE A 39 -43.35 -16.57 3.99
C PHE A 39 -42.08 -17.22 4.53
N LYS A 40 -41.84 -18.48 4.22
CA LYS A 40 -40.65 -19.17 4.69
C LYS A 40 -39.66 -19.32 3.54
N LEU A 41 -38.38 -19.09 3.83
CA LEU A 41 -37.35 -19.32 2.84
C LEU A 41 -37.31 -20.80 2.49
N SER A 42 -37.43 -21.15 1.21
CA SER A 42 -37.38 -22.55 0.78
C SER A 42 -36.13 -22.92 0.00
N LYS A 43 -35.53 -21.96 -0.68
CA LYS A 43 -34.31 -22.23 -1.42
C LYS A 43 -33.45 -20.98 -1.41
N ASP A 44 -32.18 -21.09 -1.03
CA ASP A 44 -31.25 -19.94 -1.21
C ASP A 44 -31.13 -19.53 -2.67
N GLY A 45 -30.86 -18.26 -2.90
CA GLY A 45 -30.39 -17.80 -4.17
C GLY A 45 -28.99 -18.30 -4.48
N PHE A 46 -28.56 -18.02 -5.70
CA PHE A 46 -27.24 -18.39 -6.18
C PHE A 46 -26.89 -17.46 -7.32
N LEU A 47 -25.66 -17.56 -7.80
CA LEU A 47 -25.25 -16.85 -8.99
C LEU A 47 -25.06 -17.83 -10.13
N LEU A 48 -25.45 -17.44 -11.33
CA LEU A 48 -25.18 -18.26 -12.53
C LEU A 48 -24.11 -17.64 -13.40
N LEU A 49 -23.00 -18.35 -13.57
CA LEU A 49 -21.92 -17.92 -14.43
C LEU A 49 -22.11 -18.57 -15.77
N GLN A 50 -22.04 -17.79 -16.83
CA GLN A 50 -22.18 -18.31 -18.17
C GLN A 50 -20.98 -17.89 -18.94
N PHE A 51 -20.31 -18.86 -19.56
CA PHE A 51 -19.06 -18.58 -20.25
C PHE A 51 -19.29 -18.90 -21.72
N ALA A 52 -18.77 -18.08 -22.61
CA ALA A 52 -18.92 -18.36 -24.04
C ALA A 52 -17.64 -18.05 -24.83
N PRO A 53 -17.38 -18.85 -25.87
CA PRO A 53 -16.18 -18.65 -26.69
C PRO A 53 -16.37 -17.53 -27.70
N SER A 54 -15.29 -16.84 -28.05
CA SER A 54 -15.35 -15.85 -29.12
C SER A 54 -15.71 -16.50 -30.45
N ALA A 55 -16.47 -15.77 -31.25
CA ALA A 55 -16.77 -16.09 -32.64
C ALA A 55 -16.61 -14.82 -33.47
N GLY A 56 -15.37 -14.37 -33.62
CA GLY A 56 -15.11 -13.12 -34.33
C GLY A 56 -14.76 -11.98 -33.40
N VAL A 57 -14.59 -10.79 -33.97
CA VAL A 57 -14.26 -9.61 -33.18
C VAL A 57 -15.39 -9.28 -32.22
N ARG A 58 -15.07 -9.35 -30.92
CA ARG A 58 -16.04 -9.08 -29.85
C ARG A 58 -17.48 -9.48 -30.19
N GLN A 59 -17.61 -10.72 -30.64
CA GLN A 59 -18.88 -11.44 -30.65
C GLN A 59 -18.58 -12.79 -30.04
N TYR A 60 -19.58 -13.42 -29.45
CA TYR A 60 -19.38 -14.70 -28.76
C TYR A 60 -20.51 -15.65 -29.14
N ASP A 61 -20.23 -16.94 -29.12
CA ASP A 61 -21.22 -17.92 -29.50
C ASP A 61 -21.90 -18.54 -28.28
N TRP A 62 -23.05 -17.99 -27.90
CA TRP A 62 -23.74 -18.40 -26.68
C TRP A 62 -24.42 -19.75 -26.83
N SER A 63 -24.50 -20.26 -28.07
CA SER A 63 -24.97 -21.62 -28.29
C SER A 63 -23.90 -22.62 -27.89
N LYS A 64 -22.66 -22.17 -27.77
CA LYS A 64 -21.59 -23.01 -27.25
C LYS A 64 -21.23 -22.74 -25.76
N LYS A 65 -22.14 -22.11 -25.03
CA LYS A 65 -21.83 -21.64 -23.67
C LYS A 65 -21.76 -22.81 -22.69
N GLN A 66 -20.96 -22.63 -21.65
CA GLN A 66 -20.97 -23.56 -20.53
C GLN A 66 -21.29 -22.75 -19.28
N VAL A 67 -22.02 -23.36 -18.37
CA VAL A 67 -22.51 -22.63 -17.21
C VAL A 67 -22.09 -23.30 -15.91
N PHE A 68 -22.12 -22.52 -14.83
CA PHE A 68 -21.69 -23.05 -13.53
C PHE A 68 -22.40 -22.18 -12.49
N SER A 69 -23.04 -22.78 -11.52
CA SER A 69 -23.72 -22.00 -10.49
CA SER A 69 -23.72 -22.01 -10.47
C SER A 69 -22.75 -21.78 -9.32
N LEU A 70 -22.82 -20.62 -8.70
CA LEU A 70 -22.12 -20.43 -7.44
C LEU A 70 -23.12 -20.34 -6.32
N SER A 71 -22.96 -21.23 -5.35
CA SER A 71 -23.82 -21.27 -4.20
C SER A 71 -23.40 -20.21 -3.20
N VAL A 72 -24.27 -19.96 -2.24
CA VAL A 72 -23.94 -19.11 -1.09
C VAL A 72 -22.59 -19.50 -0.45
N THR A 73 -22.39 -20.77 -0.14
CA THR A 73 -21.12 -21.21 0.46
C THR A 73 -19.92 -20.99 -0.45
N GLU A 74 -20.06 -21.22 -1.76
CA GLU A 74 -18.97 -20.95 -2.70
C GLU A 74 -18.64 -19.48 -2.80
N ILE A 75 -19.67 -18.65 -2.74
CA ILE A 75 -19.43 -17.21 -2.68
C ILE A 75 -18.65 -16.86 -1.39
N GLY A 76 -18.96 -17.53 -0.30
CA GLY A 76 -18.21 -17.39 0.91
C GLY A 76 -16.74 -17.67 0.73
N THR A 77 -16.41 -18.72 -0.01
CA THR A 77 -15.03 -19.01 -0.34
C THR A 77 -14.40 -17.85 -1.08
N LEU A 78 -15.11 -17.34 -2.09
CA LEU A 78 -14.57 -16.29 -2.95
C LEU A 78 -14.34 -14.98 -2.19
N VAL A 79 -15.30 -14.60 -1.36
CA VAL A 79 -15.15 -13.34 -0.64
C VAL A 79 -14.07 -13.42 0.48
N SER A 80 -13.69 -14.61 0.89
CA SER A 80 -12.75 -14.75 2.00
C SER A 80 -11.37 -15.18 1.53
N LEU A 81 -11.16 -15.24 0.23
CA LEU A 81 -9.87 -15.65 -0.30
C LEU A 81 -8.78 -14.67 0.07
N GLY A 82 -7.60 -15.20 0.32
CA GLY A 82 -6.41 -14.38 0.45
C GLY A 82 -6.17 -13.69 -0.89
N PRO A 83 -5.39 -12.61 -0.90
CA PRO A 83 -5.23 -11.83 -2.12
C PRO A 83 -4.71 -12.58 -3.35
N ARG A 84 -3.90 -13.63 -3.15
CA ARG A 84 -3.40 -14.44 -4.24
C ARG A 84 -3.62 -15.92 -3.95
N GLU A 85 -4.68 -16.20 -3.20
CA GLU A 85 -5.08 -17.57 -2.95
C GLU A 85 -5.87 -18.17 -4.12
N SER A 86 -5.61 -19.44 -4.43
CA SER A 86 -6.37 -20.15 -5.45
C SER A 86 -7.56 -20.88 -4.86
N CYS A 87 -8.56 -21.12 -5.69
CA CYS A 87 -9.65 -21.99 -5.28
C CYS A 87 -10.19 -22.76 -6.48
N GLU A 88 -10.92 -23.81 -6.17
CA GLU A 88 -11.40 -24.72 -7.18
C GLU A 88 -12.70 -25.33 -6.65
N PHE A 89 -13.71 -25.42 -7.52
CA PHE A 89 -14.97 -26.00 -7.17
C PHE A 89 -15.37 -27.10 -8.14
N PHE A 90 -15.94 -28.16 -7.58
CA PHE A 90 -16.30 -29.37 -8.33
C PHE A 90 -17.79 -29.62 -8.24
N HIS A 91 -18.47 -29.66 -9.39
CA HIS A 91 -19.91 -29.85 -9.44
C HIS A 91 -20.33 -31.02 -10.30
N ASP A 92 -21.37 -31.70 -9.86
CA ASP A 92 -22.16 -32.61 -10.72
C ASP A 92 -23.57 -32.03 -10.81
N PRO A 93 -23.96 -31.49 -11.98
CA PRO A 93 -25.27 -30.82 -12.07
C PRO A 93 -26.45 -31.73 -11.76
N PHE A 94 -26.25 -33.04 -11.81
CA PHE A 94 -27.35 -33.98 -11.63
C PHE A 94 -27.11 -34.83 -10.39
N LYS A 95 -26.38 -34.27 -9.42
CA LYS A 95 -26.11 -35.01 -8.20
C LYS A 95 -27.44 -35.35 -7.56
N GLY A 96 -27.58 -36.57 -7.08
CA GLY A 96 -28.83 -37.04 -6.51
C GLY A 96 -29.93 -37.33 -7.52
N LYS A 97 -29.73 -37.00 -8.80
CA LYS A 97 -30.74 -37.26 -9.82
C LYS A 97 -30.31 -38.49 -10.63
N SER A 98 -31.01 -38.78 -11.72
CA SER A 98 -30.77 -40.05 -12.37
C SER A 98 -29.53 -39.96 -13.28
N ASP A 99 -29.19 -38.76 -13.75
CA ASP A 99 -27.95 -38.57 -14.50
C ASP A 99 -26.71 -38.25 -13.63
N GLU A 100 -26.78 -38.54 -12.34
CA GLU A 100 -25.65 -38.35 -11.47
C GLU A 100 -24.41 -39.07 -12.01
N GLY A 101 -23.26 -38.41 -11.97
CA GLY A 101 -22.04 -39.03 -12.46
C GLY A 101 -21.79 -38.87 -13.95
N LYS A 102 -22.75 -38.35 -14.70
CA LYS A 102 -22.54 -38.20 -16.15
C LYS A 102 -21.80 -36.92 -16.49
N VAL A 103 -21.99 -35.87 -15.68
CA VAL A 103 -21.46 -34.58 -16.05
C VAL A 103 -20.64 -34.07 -14.87
N ARG A 104 -19.43 -33.61 -15.16
CA ARG A 104 -18.58 -33.04 -14.12
C ARG A 104 -18.12 -31.68 -14.60
N LYS A 105 -18.24 -30.70 -13.74
CA LYS A 105 -17.76 -29.35 -14.03
C LYS A 105 -16.78 -28.92 -12.95
N VAL A 106 -15.69 -28.29 -13.38
CA VAL A 106 -14.66 -27.75 -12.49
C VAL A 106 -14.46 -26.27 -12.78
N LEU A 107 -14.68 -25.45 -11.77
CA LEU A 107 -14.34 -24.02 -11.86
C LEU A 107 -13.09 -23.74 -11.03
N LYS A 108 -12.08 -23.17 -11.69
CA LYS A 108 -10.87 -22.70 -11.08
C LYS A 108 -10.85 -21.19 -11.11
N VAL A 109 -10.47 -20.62 -9.98
CA VAL A 109 -10.30 -19.18 -9.85
C VAL A 109 -8.91 -19.00 -9.22
N GLU A 110 -8.01 -18.33 -9.94
CA GLU A 110 -6.63 -18.23 -9.47
C GLU A 110 -6.04 -16.90 -9.92
N PRO A 111 -5.03 -16.43 -9.18
CA PRO A 111 -4.30 -15.26 -9.64
C PRO A 111 -3.58 -15.54 -10.94
N LEU A 112 -3.44 -14.51 -11.76
CA LEU A 112 -2.64 -14.60 -12.96
C LEU A 112 -1.17 -14.67 -12.61
N PRO A 113 -0.42 -15.43 -13.41
CA PRO A 113 1.04 -15.53 -13.28
C PRO A 113 1.67 -14.13 -13.32
N ASP A 114 2.48 -13.85 -12.30
CA ASP A 114 3.15 -12.54 -12.15
C ASP A 114 2.32 -11.33 -12.56
N GLY A 115 1.01 -11.37 -12.30
CA GLY A 115 0.17 -10.25 -12.58
C GLY A 115 -0.77 -10.00 -11.42
N SER A 116 -1.50 -8.89 -11.48
CA SER A 116 -2.42 -8.57 -10.41
C SER A 116 -3.84 -9.02 -10.71
N GLY A 117 -4.10 -9.56 -11.90
CA GLY A 117 -5.42 -10.03 -12.23
C GLY A 117 -5.65 -11.48 -11.80
N HIS A 118 -6.76 -12.03 -12.24
CA HIS A 118 -7.14 -13.41 -11.94
C HIS A 118 -7.61 -14.01 -13.23
N PHE A 119 -7.76 -15.31 -13.26
CA PHE A 119 -8.56 -15.95 -14.29
C PHE A 119 -9.66 -16.81 -13.68
N PHE A 120 -10.72 -17.00 -14.46
CA PHE A 120 -11.71 -18.03 -14.21
C PHE A 120 -11.55 -19.06 -15.34
N ASN A 121 -11.52 -20.33 -14.97
CA ASN A 121 -11.51 -21.37 -15.99
C ASN A 121 -12.60 -22.37 -15.68
N LEU A 122 -13.47 -22.63 -16.65
CA LEU A 122 -14.55 -23.60 -16.47
C LEU A 122 -14.29 -24.76 -17.41
N SER A 123 -14.18 -25.95 -16.82
CA SER A 123 -13.98 -27.17 -17.59
C SER A 123 -15.19 -28.06 -17.41
N VAL A 124 -15.70 -28.59 -18.51
CA VAL A 124 -16.88 -29.41 -18.43
C VAL A 124 -16.65 -30.72 -19.18
N GLN A 125 -16.85 -31.85 -18.49
CA GLN A 125 -16.85 -33.20 -19.09
C GLN A 125 -18.26 -33.72 -19.01
N ASN A 126 -18.93 -33.73 -20.16
CA ASN A 126 -20.28 -34.20 -20.25
C ASN A 126 -20.31 -35.50 -21.06
N LYS A 127 -20.43 -36.62 -20.34
CA LYS A 127 -20.36 -37.94 -20.94
C LYS A 127 -21.69 -38.37 -21.56
N LEU A 128 -22.73 -37.51 -21.47
CA LEU A 128 -23.97 -37.74 -22.18
C LEU A 128 -23.84 -37.39 -23.67
N VAL A 129 -22.96 -36.47 -23.98
CA VAL A 129 -22.83 -35.97 -25.35
C VAL A 129 -21.40 -35.87 -25.82
N ASN A 130 -20.49 -36.58 -25.16
CA ASN A 130 -19.12 -36.59 -25.62
C ASN A 130 -18.58 -35.16 -25.81
N VAL A 131 -18.77 -34.36 -24.78
CA VAL A 131 -18.17 -33.01 -24.77
C VAL A 131 -17.17 -32.90 -23.62
N ASP A 132 -15.96 -32.51 -23.97
CA ASP A 132 -14.89 -32.27 -23.01
C ASP A 132 -14.29 -30.92 -23.42
N GLU A 133 -14.78 -29.84 -22.82
CA GLU A 133 -14.40 -28.47 -23.24
C GLU A 133 -14.05 -27.60 -22.04
N SER A 134 -13.13 -26.67 -22.23
CA SER A 134 -12.81 -25.69 -21.17
C SER A 134 -12.83 -24.27 -21.76
N ILE A 135 -13.31 -23.32 -20.95
CA ILE A 135 -13.29 -21.90 -21.34
C ILE A 135 -12.54 -21.11 -20.26
N TYR A 136 -11.56 -20.35 -20.69
CA TYR A 136 -10.68 -19.57 -19.85
C TYR A 136 -10.93 -18.08 -20.06
N ILE A 137 -11.05 -17.32 -18.99
CA ILE A 137 -11.14 -15.86 -19.17
C ILE A 137 -10.30 -15.10 -18.14
N PRO A 138 -9.49 -14.17 -18.62
CA PRO A 138 -8.72 -13.34 -17.70
C PRO A 138 -9.59 -12.18 -17.20
N ILE A 139 -9.30 -11.76 -15.99
CA ILE A 139 -10.07 -10.75 -15.28
C ILE A 139 -9.03 -9.79 -14.70
N THR A 140 -9.16 -8.51 -14.95
CA THR A 140 -8.24 -7.57 -14.37
C THR A 140 -8.51 -7.38 -12.89
N ARG A 141 -7.54 -6.79 -12.19
CA ARG A 141 -7.71 -6.48 -10.81
C ARG A 141 -8.98 -5.65 -10.51
N ALA A 142 -9.21 -4.64 -11.34
CA ALA A 142 -10.38 -3.76 -11.19
C ALA A 142 -11.68 -4.52 -11.42
N GLU A 143 -11.72 -5.37 -12.45
CA GLU A 143 -12.89 -6.20 -12.75
C GLU A 143 -13.19 -7.17 -11.60
N PHE A 144 -12.14 -7.76 -11.03
CA PHE A 144 -12.27 -8.70 -9.93
C PHE A 144 -12.82 -8.00 -8.71
N ALA A 145 -12.39 -6.76 -8.51
CA ALA A 145 -12.83 -5.97 -7.38
C ALA A 145 -14.32 -5.66 -7.49
N VAL A 146 -14.79 -5.39 -8.72
CA VAL A 146 -16.24 -5.22 -8.95
C VAL A 146 -17.00 -6.53 -8.64
N LEU A 147 -16.48 -7.65 -9.11
CA LEU A 147 -17.10 -8.94 -8.80
C LEU A 147 -17.17 -9.16 -7.27
N ILE A 148 -16.06 -8.94 -6.57
CA ILE A 148 -16.06 -9.20 -5.15
C ILE A 148 -16.99 -8.25 -4.41
N SER A 149 -17.04 -6.99 -4.85
CA SER A 149 -18.06 -6.04 -4.32
C SER A 149 -19.47 -6.55 -4.51
N ALA A 150 -19.78 -7.01 -5.71
CA ALA A 150 -21.09 -7.52 -6.01
C ALA A 150 -21.44 -8.78 -5.20
N PHE A 151 -20.45 -9.67 -5.07
CA PHE A 151 -20.64 -10.91 -4.34
C PHE A 151 -20.88 -10.63 -2.86
N ASN A 152 -20.09 -9.72 -2.27
CA ASN A 152 -20.30 -9.35 -0.89
C ASN A 152 -21.68 -8.73 -0.73
N PHE A 153 -22.06 -7.88 -1.67
CA PHE A 153 -23.36 -7.21 -1.58
C PHE A 153 -24.52 -8.18 -1.61
N VAL A 154 -24.44 -9.18 -2.52
CA VAL A 154 -25.57 -10.03 -2.85
C VAL A 154 -25.79 -11.16 -1.81
N LEU A 155 -24.73 -11.53 -1.11
CA LEU A 155 -24.79 -12.63 -0.17
C LEU A 155 -25.99 -12.56 0.80
N PRO A 156 -26.19 -11.43 1.50
CA PRO A 156 -27.38 -11.38 2.37
C PRO A 156 -28.71 -11.45 1.63
N TYR A 157 -28.77 -11.04 0.37
CA TYR A 157 -29.97 -11.17 -0.41
C TYR A 157 -30.21 -12.63 -0.71
N LEU A 158 -29.16 -13.37 -1.04
CA LEU A 158 -29.34 -14.77 -1.44
C LEU A 158 -29.87 -15.67 -0.32
N ILE A 159 -29.65 -15.28 0.91
CA ILE A 159 -30.13 -16.01 2.07
C ILE A 159 -31.40 -15.42 2.67
N GLY A 160 -31.94 -14.40 2.01
CA GLY A 160 -33.23 -13.86 2.41
C GLY A 160 -33.21 -12.80 3.48
N TRP A 161 -32.01 -12.44 3.93
CA TRP A 161 -31.90 -11.56 5.07
C TRP A 161 -32.27 -10.11 4.73
N HIS A 162 -32.18 -9.78 3.45
CA HIS A 162 -32.63 -8.47 2.97
CA HIS A 162 -32.67 -8.51 2.92
C HIS A 162 -34.14 -8.35 3.13
N ALA A 163 -34.85 -9.46 2.90
CA ALA A 163 -36.29 -9.48 3.01
C ALA A 163 -36.64 -9.29 4.46
N PHE A 164 -35.87 -9.90 5.35
CA PHE A 164 -36.05 -9.65 6.79
C PHE A 164 -35.79 -8.21 7.11
N ALA A 165 -34.65 -7.71 6.63
CA ALA A 165 -34.21 -6.38 7.03
C ALA A 165 -35.22 -5.34 6.59
N ASN A 166 -35.78 -5.57 5.41
CA ASN A 166 -36.64 -4.57 4.82
C ASN A 166 -38.10 -4.69 5.25
N SER A 167 -38.39 -5.68 6.09
CA SER A 167 -39.72 -5.89 6.64
C SER A 167 -39.85 -5.30 8.03
N ILE A 168 -38.74 -4.77 8.54
CA ILE A 168 -38.70 -4.32 9.93
C ILE A 168 -39.63 -3.11 10.14
N LYS A 169 -39.44 -2.07 9.34
CA LYS A 169 -40.19 -0.81 9.53
C LYS A 169 -41.66 -1.12 9.43
N ALA A 170 -42.06 -1.76 8.34
CA ALA A 170 -43.47 -1.93 8.06
C ALA A 170 -44.07 -2.73 9.21
N ALA A 171 -43.31 -3.69 9.71
CA ALA A 171 -43.77 -4.51 10.82
C ALA A 171 -43.94 -3.71 12.11
N ALA A 172 -42.99 -2.81 12.38
CA ALA A 172 -43.04 -1.99 13.61
C ALA A 172 -44.31 -1.13 13.64
N LEU A 173 -44.73 -0.76 12.46
CA LEU A 173 -45.88 0.13 12.25
C LEU A 173 -47.17 -0.49 12.75
N GLU A 174 -47.18 -1.82 12.83
CA GLU A 174 -48.35 -2.57 13.26
C GLU A 174 -48.13 -3.20 14.63
N HIS A 175 -46.92 -3.64 14.90
CA HIS A 175 -46.59 -4.27 16.19
C HIS A 175 -45.53 -3.51 16.94
N HIS A 176 -45.94 -2.89 18.04
CA HIS A 176 -45.10 -2.02 18.86
C HIS A 176 -45.77 -1.98 20.23
N HIS A 177 -45.03 -1.58 21.25
CA HIS A 177 -45.59 -1.43 22.59
C HIS A 177 -46.23 -0.06 22.70
N HIS A 178 -47.17 0.07 23.63
CA HIS A 178 -47.81 1.34 23.93
C HIS A 178 -47.62 1.63 25.41
N HIS A 179 -47.43 2.89 25.76
CA HIS A 179 -47.19 3.27 27.17
C HIS A 179 -48.40 2.88 28.05
N HIS A 180 -48.20 3.02 29.36
CA HIS A 180 -49.23 2.67 30.34
C HIS A 180 -49.92 3.93 30.88
N PRO B 6 -41.58 7.95 -9.06
CA PRO B 6 -41.02 8.93 -9.99
C PRO B 6 -40.19 10.01 -9.28
N ALA B 7 -39.93 9.82 -7.99
CA ALA B 7 -39.13 10.77 -7.22
C ALA B 7 -37.70 10.83 -7.79
N ARG B 8 -37.24 12.04 -8.07
CA ARG B 8 -35.89 12.28 -8.59
C ARG B 8 -35.03 13.10 -7.61
N PHE B 9 -33.79 12.63 -7.36
CA PHE B 9 -32.92 13.24 -6.36
C PHE B 9 -31.62 13.77 -6.94
N TYR B 10 -31.25 14.98 -6.55
CA TYR B 10 -29.94 15.50 -6.85
C TYR B 10 -29.13 15.46 -5.56
N VAL B 11 -28.11 14.61 -5.56
CA VAL B 11 -27.36 14.33 -4.35
C VAL B 11 -25.87 14.39 -4.60
N GLY B 12 -25.45 15.29 -5.50
CA GLY B 12 -24.03 15.59 -5.63
C GLY B 12 -23.29 15.75 -4.32
N HIS B 13 -22.11 15.12 -4.20
CA HIS B 13 -21.26 15.29 -3.04
C HIS B 13 -20.06 16.15 -3.40
N SER B 14 -19.89 17.26 -2.67
CA SER B 14 -18.86 18.26 -3.00
C SER B 14 -17.72 18.37 -1.99
N ILE B 15 -16.53 18.67 -2.52
CA ILE B 15 -15.36 18.99 -1.72
C ILE B 15 -14.85 20.32 -2.26
N TYR B 16 -14.72 21.30 -1.37
CA TYR B 16 -14.39 22.68 -1.75
C TYR B 16 -13.05 23.04 -1.14
N LYS B 17 -12.12 23.46 -1.98
CA LYS B 17 -10.79 23.80 -1.52
C LYS B 17 -10.42 25.22 -2.01
N GLY B 18 -9.21 25.62 -1.72
CA GLY B 18 -8.80 26.99 -1.96
C GLY B 18 -8.80 27.35 -3.42
N LYS B 19 -8.33 26.45 -4.26
CA LYS B 19 -8.19 26.73 -5.67
C LYS B 19 -9.19 26.01 -6.57
N ALA B 20 -9.93 25.04 -6.02
CA ALA B 20 -10.79 24.21 -6.87
C ALA B 20 -11.88 23.51 -6.06
N ALA B 21 -12.92 23.08 -6.77
CA ALA B 21 -13.98 22.27 -6.17
C ALA B 21 -14.19 21.02 -6.99
N LEU B 22 -14.64 19.97 -6.30
CA LEU B 22 -15.00 18.72 -6.95
C LEU B 22 -16.40 18.32 -6.51
N THR B 23 -17.23 17.98 -7.48
CA THR B 23 -18.55 17.46 -7.16
C THR B 23 -18.73 16.09 -7.79
N VAL B 24 -19.20 15.13 -7.01
CA VAL B 24 -19.39 13.77 -7.48
C VAL B 24 -20.88 13.46 -7.45
N ASP B 25 -21.40 13.13 -8.63
CA ASP B 25 -22.81 12.86 -8.84
C ASP B 25 -23.02 11.46 -9.36
N PRO B 26 -23.79 10.65 -8.63
CA PRO B 26 -24.12 9.33 -9.15
C PRO B 26 -25.12 9.37 -10.32
N ARG B 27 -24.94 8.50 -11.29
CA ARG B 27 -25.84 8.38 -12.43
C ARG B 27 -26.33 6.96 -12.56
N ALA B 28 -27.64 6.83 -12.72
CA ALA B 28 -28.27 5.52 -12.72
C ALA B 28 -27.94 4.72 -13.97
N PRO B 29 -27.99 3.39 -13.85
CA PRO B 29 -27.88 2.57 -15.04
C PRO B 29 -29.10 2.84 -15.95
N GLU B 30 -29.02 2.43 -17.22
CA GLU B 30 -30.17 2.50 -18.14
C GLU B 30 -30.69 1.10 -18.38
N PHE B 31 -31.98 1.02 -18.70
CA PHE B 31 -32.60 -0.26 -18.95
C PHE B 31 -33.32 -0.23 -20.31
N VAL B 32 -33.45 -1.40 -20.92
CA VAL B 32 -34.33 -1.57 -22.08
C VAL B 32 -35.54 -2.43 -21.71
N ALA B 33 -36.70 -2.05 -22.24
CA ALA B 33 -37.91 -2.85 -22.06
C ALA B 33 -37.82 -4.06 -22.97
N LEU B 34 -38.09 -5.23 -22.41
CA LEU B 34 -38.11 -6.46 -23.18
C LEU B 34 -39.52 -6.78 -23.67
N ASP B 35 -39.61 -7.64 -24.69
CA ASP B 35 -40.89 -8.04 -25.26
C ASP B 35 -41.84 -8.59 -24.18
N SER B 36 -41.27 -9.26 -23.19
CA SER B 36 -42.03 -9.91 -22.14
C SER B 36 -42.55 -8.96 -21.07
N GLY B 37 -42.13 -7.70 -21.12
CA GLY B 37 -42.54 -6.77 -20.11
C GLY B 37 -41.50 -6.64 -19.00
N ALA B 38 -40.49 -7.51 -19.03
CA ALA B 38 -39.35 -7.36 -18.13
C ALA B 38 -38.43 -6.22 -18.58
N PHE B 39 -37.48 -5.85 -17.74
CA PHE B 39 -36.52 -4.84 -18.09
C PHE B 39 -35.12 -5.38 -17.96
N LYS B 40 -34.28 -5.05 -18.93
CA LYS B 40 -32.89 -5.52 -18.91
C LYS B 40 -31.94 -4.35 -18.75
N LEU B 41 -30.94 -4.52 -17.89
CA LEU B 41 -29.94 -3.48 -17.75
C LEU B 41 -29.13 -3.42 -19.03
N SER B 42 -29.04 -2.25 -19.65
CA SER B 42 -28.39 -2.10 -20.94
C SER B 42 -27.16 -1.21 -20.88
N LYS B 43 -27.06 -0.39 -19.84
CA LYS B 43 -25.88 0.43 -19.61
C LYS B 43 -25.69 0.52 -18.09
N ASP B 44 -24.47 0.28 -17.62
CA ASP B 44 -24.19 0.47 -16.21
C ASP B 44 -24.30 1.92 -15.85
N GLY B 45 -24.63 2.15 -14.59
CA GLY B 45 -24.44 3.45 -14.00
C GLY B 45 -22.97 3.84 -13.91
N PHE B 46 -22.74 5.08 -13.52
CA PHE B 46 -21.40 5.63 -13.42
C PHE B 46 -21.43 6.80 -12.49
N LEU B 47 -20.25 7.36 -12.20
CA LEU B 47 -20.17 8.55 -11.39
C LEU B 47 -19.64 9.70 -12.23
N LEU B 48 -20.31 10.82 -12.16
CA LEU B 48 -19.86 11.99 -12.90
C LEU B 48 -19.07 12.89 -11.96
N LEU B 49 -17.83 13.13 -12.31
CA LEU B 49 -16.95 14.00 -11.53
C LEU B 49 -16.92 15.35 -12.23
N GLN B 50 -17.17 16.41 -11.47
CA GLN B 50 -17.23 17.78 -12.00
C GLN B 50 -16.24 18.60 -11.23
N PHE B 51 -15.26 19.14 -11.94
CA PHE B 51 -14.21 19.92 -11.32
C PHE B 51 -14.37 21.39 -11.75
N ALA B 52 -14.18 22.33 -10.82
CA ALA B 52 -14.22 23.75 -11.18
C ALA B 52 -13.14 24.55 -10.45
N PRO B 53 -12.57 25.55 -11.14
CA PRO B 53 -11.61 26.50 -10.52
C PRO B 53 -12.26 27.51 -9.57
N SER B 54 -11.51 27.96 -8.56
CA SER B 54 -12.05 28.97 -7.66
C SER B 54 -12.19 30.29 -8.43
N ALA B 55 -13.09 31.14 -7.95
CA ALA B 55 -13.25 32.50 -8.47
C ALA B 55 -13.72 33.40 -7.33
N GLY B 56 -12.82 33.69 -6.40
CA GLY B 56 -13.19 34.46 -5.22
C GLY B 56 -13.41 33.58 -4.01
N VAL B 57 -13.41 34.19 -2.84
CA VAL B 57 -13.51 33.44 -1.59
C VAL B 57 -14.79 32.62 -1.52
N ARG B 58 -14.62 31.30 -1.39
CA ARG B 58 -15.74 30.36 -1.26
C ARG B 58 -16.68 30.39 -2.46
N GLN B 59 -16.10 30.54 -3.64
CA GLN B 59 -16.87 30.50 -4.85
C GLN B 59 -16.01 29.86 -5.92
N TYR B 60 -16.69 29.25 -6.88
CA TYR B 60 -16.04 28.52 -7.96
C TYR B 60 -16.78 28.86 -9.24
N ASP B 61 -16.06 28.86 -10.34
CA ASP B 61 -16.68 29.18 -11.62
C ASP B 61 -17.08 27.93 -12.38
N TRP B 62 -18.34 27.53 -12.23
CA TRP B 62 -18.82 26.30 -12.83
C TRP B 62 -19.00 26.45 -14.33
N SER B 63 -18.93 27.67 -14.88
CA SER B 63 -18.88 27.82 -16.33
C SER B 63 -17.55 27.32 -16.89
N LYS B 64 -16.53 27.27 -16.05
CA LYS B 64 -15.27 26.71 -16.50
C LYS B 64 -15.08 25.26 -16.01
N LYS B 65 -16.16 24.60 -15.66
CA LYS B 65 -16.07 23.21 -15.20
C LYS B 65 -15.50 22.26 -16.24
N GLN B 66 -14.87 21.18 -15.77
CA GLN B 66 -14.45 20.11 -16.62
C GLN B 66 -15.00 18.81 -15.97
N VAL B 67 -15.38 17.85 -16.79
CA VAL B 67 -16.05 16.66 -16.27
C VAL B 67 -15.39 15.37 -16.71
N PHE B 68 -15.62 14.30 -15.94
CA PHE B 68 -14.98 13.02 -16.27
C PHE B 68 -15.94 11.95 -15.71
N SER B 69 -16.29 10.95 -16.50
CA SER B 69 -17.22 9.93 -16.02
C SER B 69 -16.45 8.74 -15.52
N LEU B 70 -16.61 8.37 -14.25
CA LEU B 70 -15.94 7.18 -13.74
C LEU B 70 -16.83 5.99 -13.93
N SER B 71 -16.34 5.01 -14.68
CA SER B 71 -17.10 3.83 -14.95
C SER B 71 -17.07 2.89 -13.75
N VAL B 72 -17.94 1.89 -13.76
CA VAL B 72 -17.92 0.80 -12.76
C VAL B 72 -16.51 0.17 -12.63
N THR B 73 -15.86 -0.11 -13.74
CA THR B 73 -14.52 -0.69 -13.67
C THR B 73 -13.48 0.23 -13.08
N GLU B 74 -13.56 1.52 -13.41
CA GLU B 74 -12.69 2.52 -12.83
C GLU B 74 -12.92 2.70 -11.34
N ILE B 75 -14.16 2.59 -10.92
CA ILE B 75 -14.46 2.62 -9.47
C ILE B 75 -13.80 1.40 -8.80
N GLY B 76 -13.87 0.26 -9.47
CA GLY B 76 -13.15 -0.94 -9.09
C GLY B 76 -11.67 -0.69 -8.83
N THR B 77 -11.01 -0.01 -9.75
CA THR B 77 -9.64 0.42 -9.51
C THR B 77 -9.50 1.20 -8.23
N LEU B 78 -10.34 2.21 -8.04
CA LEU B 78 -10.18 3.09 -6.90
C LEU B 78 -10.46 2.40 -5.59
N VAL B 79 -11.49 1.56 -5.51
CA VAL B 79 -11.72 0.91 -4.22
C VAL B 79 -10.69 -0.20 -3.86
N SER B 80 -9.95 -0.66 -4.85
CA SER B 80 -9.00 -1.75 -4.63
C SER B 80 -7.55 -1.22 -4.58
N LEU B 81 -7.39 0.10 -4.67
CA LEU B 81 -6.06 0.72 -4.59
C LEU B 81 -5.38 0.44 -3.28
N GLY B 82 -4.07 0.22 -3.33
CA GLY B 82 -3.27 0.27 -2.12
C GLY B 82 -3.38 1.64 -1.48
N PRO B 83 -3.12 1.73 -0.18
CA PRO B 83 -3.20 3.00 0.56
C PRO B 83 -2.40 4.15 -0.07
N ARG B 84 -1.25 3.85 -0.68
CA ARG B 84 -0.45 4.87 -1.35
C ARG B 84 -0.13 4.52 -2.80
N GLU B 85 -1.03 3.77 -3.44
CA GLU B 85 -0.89 3.47 -4.83
C GLU B 85 -1.46 4.58 -5.74
N SER B 86 -0.78 4.87 -6.85
CA SER B 86 -1.22 5.86 -7.82
C SER B 86 -2.03 5.21 -8.94
N CYS B 87 -2.94 5.97 -9.53
CA CYS B 87 -3.64 5.51 -10.72
C CYS B 87 -3.92 6.64 -11.68
N GLU B 88 -4.21 6.26 -12.91
CA GLU B 88 -4.45 7.19 -13.98
C GLU B 88 -5.44 6.59 -14.96
N PHE B 89 -6.39 7.40 -15.41
CA PHE B 89 -7.38 6.98 -16.40
C PHE B 89 -7.39 7.95 -17.59
N PHE B 90 -7.46 7.39 -18.80
CA PHE B 90 -7.45 8.12 -20.06
C PHE B 90 -8.77 7.89 -20.78
N HIS B 91 -9.50 8.96 -21.08
CA HIS B 91 -10.75 8.89 -21.87
C HIS B 91 -10.68 9.75 -23.13
N ASP B 92 -11.13 9.19 -24.25
CA ASP B 92 -11.49 9.97 -25.43
C ASP B 92 -13.02 9.90 -25.59
N PRO B 93 -13.73 10.99 -25.31
CA PRO B 93 -15.19 10.99 -25.25
C PRO B 93 -15.85 10.68 -26.57
N PHE B 94 -15.05 10.61 -27.63
CA PHE B 94 -15.58 10.41 -28.97
C PHE B 94 -14.90 9.24 -29.62
N LYS B 95 -14.44 8.29 -28.82
CA LYS B 95 -14.04 6.99 -29.38
C LYS B 95 -15.20 6.39 -30.15
N GLY B 96 -14.89 5.78 -31.29
CA GLY B 96 -15.91 5.14 -32.09
C GLY B 96 -16.83 6.11 -32.80
N LYS B 97 -16.55 7.41 -32.67
CA LYS B 97 -17.28 8.45 -33.40
C LYS B 97 -16.30 9.20 -34.30
N SER B 98 -16.80 10.24 -34.96
CA SER B 98 -16.02 10.99 -35.94
C SER B 98 -14.99 11.91 -35.29
N ASP B 99 -15.42 12.60 -34.24
CA ASP B 99 -14.56 13.51 -33.48
C ASP B 99 -13.48 12.80 -32.66
N GLU B 100 -13.45 11.46 -32.71
CA GLU B 100 -12.41 10.71 -32.02
C GLU B 100 -11.08 11.45 -32.19
N GLY B 101 -10.26 11.47 -31.13
CA GLY B 101 -8.91 12.01 -31.22
C GLY B 101 -8.78 13.49 -30.89
N LYS B 102 -9.89 14.22 -30.94
CA LYS B 102 -9.86 15.66 -30.70
C LYS B 102 -10.07 16.07 -29.23
N VAL B 103 -10.58 15.17 -28.41
CA VAL B 103 -10.82 15.49 -27.00
C VAL B 103 -10.09 14.42 -26.19
N ARG B 104 -9.21 14.84 -25.30
CA ARG B 104 -8.42 13.89 -24.53
C ARG B 104 -8.51 14.29 -23.06
N LYS B 105 -8.89 13.34 -22.21
CA LYS B 105 -9.04 13.61 -20.78
C LYS B 105 -8.26 12.57 -19.96
N VAL B 106 -7.56 13.05 -18.95
CA VAL B 106 -6.78 12.18 -18.09
C VAL B 106 -7.09 12.54 -16.66
N LEU B 107 -7.51 11.53 -15.90
CA LEU B 107 -7.75 11.67 -14.47
C LEU B 107 -6.66 10.90 -13.72
N LYS B 108 -5.97 11.61 -12.85
CA LYS B 108 -4.95 11.05 -11.97
C LYS B 108 -5.48 11.11 -10.53
N VAL B 109 -5.28 10.02 -9.79
CA VAL B 109 -5.62 9.96 -8.38
C VAL B 109 -4.40 9.36 -7.71
N GLU B 110 -3.82 10.10 -6.76
CA GLU B 110 -2.56 9.70 -6.17
C GLU B 110 -2.50 10.17 -4.72
N PRO B 111 -1.71 9.47 -3.90
CA PRO B 111 -1.45 10.00 -2.55
C PRO B 111 -0.70 11.31 -2.65
N LEU B 112 -0.91 12.18 -1.66
CA LEU B 112 -0.16 13.42 -1.61
C LEU B 112 1.26 13.12 -1.15
N PRO B 113 2.23 13.87 -1.67
CA PRO B 113 3.63 13.68 -1.25
C PRO B 113 3.82 13.97 0.22
N ASP B 114 4.47 13.06 0.93
CA ASP B 114 4.71 13.19 2.37
C ASP B 114 3.45 13.34 3.21
N GLY B 115 2.28 13.10 2.62
CA GLY B 115 1.05 13.37 3.32
C GLY B 115 0.12 12.19 3.30
N SER B 116 -0.93 12.24 4.13
CA SER B 116 -1.85 11.15 4.24
C SER B 116 -3.08 11.32 3.35
N GLY B 117 -3.25 12.49 2.75
CA GLY B 117 -4.34 12.71 1.81
C GLY B 117 -4.03 12.22 0.41
N HIS B 118 -4.88 12.59 -0.53
CA HIS B 118 -4.75 12.23 -1.93
C HIS B 118 -5.01 13.47 -2.76
N PHE B 119 -4.65 13.43 -4.04
CA PHE B 119 -5.15 14.43 -4.97
C PHE B 119 -5.90 13.79 -6.09
N PHE B 120 -6.85 14.53 -6.65
CA PHE B 120 -7.44 14.24 -7.95
C PHE B 120 -6.97 15.34 -8.92
N ASN B 121 -6.59 14.97 -10.13
CA ASN B 121 -6.24 15.96 -11.16
C ASN B 121 -6.93 15.57 -12.45
N LEU B 122 -7.64 16.53 -13.05
CA LEU B 122 -8.29 16.27 -14.33
C LEU B 122 -7.69 17.24 -15.34
N SER B 123 -7.08 16.70 -16.38
CA SER B 123 -6.60 17.51 -17.50
C SER B 123 -7.47 17.24 -18.71
N VAL B 124 -7.83 18.29 -19.42
CA VAL B 124 -8.69 18.12 -20.59
C VAL B 124 -8.09 18.98 -21.70
N GLN B 125 -7.75 18.33 -22.81
CA GLN B 125 -7.43 19.06 -24.05
C GLN B 125 -8.54 18.81 -25.11
N ASN B 126 -9.31 19.86 -25.41
CA ASN B 126 -10.47 19.74 -26.30
C ASN B 126 -10.36 20.70 -27.48
N LYS B 127 -10.05 20.16 -28.66
CA LYS B 127 -9.83 20.98 -29.85
C LYS B 127 -11.13 21.45 -30.51
N LEU B 128 -12.25 20.82 -30.15
CA LEU B 128 -13.56 21.21 -30.67
C LEU B 128 -13.99 22.59 -30.16
N VAL B 129 -13.57 22.95 -28.95
CA VAL B 129 -13.95 24.23 -28.38
C VAL B 129 -12.73 25.00 -27.86
N ASN B 130 -11.54 24.60 -28.31
CA ASN B 130 -10.27 25.25 -27.93
C ASN B 130 -10.07 25.40 -26.41
N VAL B 131 -10.21 24.29 -25.69
CA VAL B 131 -10.02 24.27 -24.24
C VAL B 131 -8.76 23.45 -23.94
N ASP B 132 -7.91 23.95 -23.05
CA ASP B 132 -6.75 23.19 -22.55
C ASP B 132 -6.62 23.47 -21.07
N GLU B 133 -7.09 22.53 -20.25
CA GLU B 133 -7.35 22.84 -18.88
C GLU B 133 -6.89 21.72 -17.96
N SER B 134 -6.59 22.10 -16.74
CA SER B 134 -6.12 21.15 -15.73
C SER B 134 -6.54 21.68 -14.40
N ILE B 135 -7.31 20.86 -13.69
CA ILE B 135 -7.78 21.23 -12.39
C ILE B 135 -7.25 20.19 -11.40
N TYR B 136 -6.55 20.71 -10.40
CA TYR B 136 -5.92 19.92 -9.33
C TYR B 136 -6.62 20.19 -8.02
N ILE B 137 -6.97 19.13 -7.28
CA ILE B 137 -7.57 19.35 -5.98
C ILE B 137 -7.03 18.32 -4.94
N PRO B 138 -6.46 18.82 -3.85
CA PRO B 138 -6.00 17.94 -2.77
C PRO B 138 -7.15 17.67 -1.80
N ILE B 139 -7.21 16.43 -1.31
CA ILE B 139 -8.29 15.88 -0.51
C ILE B 139 -7.65 15.36 0.77
N THR B 140 -8.28 15.56 1.91
CA THR B 140 -7.77 14.98 3.14
C THR B 140 -8.05 13.48 3.24
N ARG B 141 -7.33 12.82 4.11
CA ARG B 141 -7.57 11.42 4.33
C ARG B 141 -9.05 11.14 4.68
N ALA B 142 -9.63 11.98 5.53
CA ALA B 142 -11.02 11.79 5.93
C ALA B 142 -11.96 12.00 4.72
N GLU B 143 -11.67 13.01 3.89
CA GLU B 143 -12.48 13.28 2.71
C GLU B 143 -12.41 12.14 1.72
N PHE B 144 -11.22 11.56 1.57
CA PHE B 144 -11.01 10.42 0.69
C PHE B 144 -11.75 9.19 1.24
N ALA B 145 -11.74 9.04 2.56
CA ALA B 145 -12.41 7.90 3.19
C ALA B 145 -13.92 7.99 2.93
N VAL B 146 -14.47 9.20 2.96
CA VAL B 146 -15.90 9.36 2.61
C VAL B 146 -16.15 8.97 1.14
N LEU B 147 -15.29 9.44 0.23
CA LEU B 147 -15.41 9.02 -1.16
C LEU B 147 -15.40 7.51 -1.30
N ILE B 148 -14.43 6.85 -0.68
CA ILE B 148 -14.30 5.43 -0.84
C ILE B 148 -15.51 4.68 -0.26
N SER B 149 -16.00 5.15 0.87
CA SER B 149 -17.23 4.62 1.45
C SER B 149 -18.42 4.74 0.48
N ALA B 150 -18.60 5.94 -0.09
CA ALA B 150 -19.60 6.17 -1.10
C ALA B 150 -19.46 5.31 -2.34
N PHE B 151 -18.23 5.12 -2.82
CA PHE B 151 -17.97 4.37 -4.04
C PHE B 151 -18.27 2.90 -3.79
N ASN B 152 -17.75 2.39 -2.66
CA ASN B 152 -18.07 1.02 -2.29
C ASN B 152 -19.58 0.79 -2.16
N PHE B 153 -20.27 1.74 -1.55
CA PHE B 153 -21.70 1.59 -1.33
C PHE B 153 -22.43 1.54 -2.66
N VAL B 154 -22.04 2.41 -3.58
CA VAL B 154 -22.83 2.63 -4.77
C VAL B 154 -22.62 1.58 -5.88
N LEU B 155 -21.49 0.90 -5.84
CA LEU B 155 -21.13 0.00 -6.93
C LEU B 155 -22.22 -1.01 -7.29
N PRO B 156 -22.73 -1.78 -6.30
CA PRO B 156 -23.76 -2.77 -6.66
C PRO B 156 -25.01 -2.15 -7.24
N TYR B 157 -25.31 -0.90 -6.87
CA TYR B 157 -26.47 -0.20 -7.42
C TYR B 157 -26.25 0.19 -8.89
N LEU B 158 -25.02 0.52 -9.25
CA LEU B 158 -24.68 0.92 -10.59
C LEU B 158 -24.81 -0.21 -11.57
N ILE B 159 -24.64 -1.44 -11.09
CA ILE B 159 -24.79 -2.60 -11.96
C ILE B 159 -26.16 -3.24 -11.79
N GLY B 160 -27.04 -2.56 -11.06
CA GLY B 160 -28.43 -2.97 -10.93
C GLY B 160 -28.71 -4.13 -10.00
N TRP B 161 -27.70 -4.58 -9.25
CA TRP B 161 -27.90 -5.79 -8.45
C TRP B 161 -28.84 -5.61 -7.28
N HIS B 162 -29.05 -4.41 -6.84
CA HIS B 162 -30.07 -4.28 -5.82
C HIS B 162 -31.49 -4.63 -6.35
N ALA B 163 -31.64 -4.82 -7.67
CA ALA B 163 -32.99 -4.84 -8.27
C ALA B 163 -33.40 -6.20 -8.77
N PHE B 164 -32.52 -7.16 -8.72
CA PHE B 164 -32.99 -8.50 -8.98
C PHE B 164 -33.79 -8.83 -7.69
N ALA B 165 -34.44 -9.97 -7.66
CA ALA B 165 -35.17 -10.40 -6.44
C ALA B 165 -36.42 -9.58 -6.07
N ASN B 166 -37.16 -9.11 -7.09
CA ASN B 166 -38.49 -8.55 -6.86
C ASN B 166 -39.52 -9.68 -6.88
N SER B 167 -40.10 -9.98 -5.71
CA SER B 167 -41.13 -11.01 -5.55
C SER B 167 -40.90 -11.87 -4.30
N PRO C 6 40.21 -4.75 23.08
CA PRO C 6 38.81 -4.73 22.65
C PRO C 6 38.48 -3.46 21.87
N ALA C 7 38.11 -3.60 20.61
CA ALA C 7 37.64 -2.47 19.81
C ALA C 7 36.46 -1.78 20.50
N ARG C 8 36.54 -0.46 20.59
CA ARG C 8 35.45 0.37 21.13
C ARG C 8 34.93 1.30 20.02
N PHE C 9 33.61 1.30 19.83
CA PHE C 9 33.02 2.02 18.72
C PHE C 9 32.01 3.09 19.15
N TYR C 10 32.14 4.28 18.57
CA TYR C 10 31.15 5.31 18.77
C TYR C 10 30.34 5.44 17.49
N VAL C 11 29.08 5.04 17.56
CA VAL C 11 28.26 4.95 16.37
C VAL C 11 26.90 5.64 16.50
N GLY C 12 26.88 6.74 17.24
CA GLY C 12 25.67 7.54 17.33
C GLY C 12 25.05 7.85 15.99
N HIS C 13 23.72 7.76 15.94
CA HIS C 13 22.96 8.04 14.76
C HIS C 13 22.14 9.29 15.01
N SER C 14 22.35 10.29 14.17
CA SER C 14 21.78 11.62 14.37
C SER C 14 20.78 12.01 13.31
N ILE C 15 19.85 12.87 13.70
CA ILE C 15 18.91 13.54 12.82
C ILE C 15 18.99 15.03 13.15
N TYR C 16 19.21 15.86 12.14
CA TYR C 16 19.35 17.30 12.33
C TYR C 16 18.21 18.06 11.66
N LYS C 17 17.52 18.91 12.41
CA LYS C 17 16.38 19.60 11.85
C LYS C 17 16.43 21.09 12.18
N GLY C 18 15.45 21.86 11.68
CA GLY C 18 15.48 23.30 11.83
C GLY C 18 15.74 23.78 13.24
N LYS C 19 15.00 23.24 14.20
CA LYS C 19 15.00 23.77 15.57
C LYS C 19 15.70 22.85 16.56
N ALA C 20 16.09 21.66 16.13
CA ALA C 20 16.60 20.68 17.07
C ALA C 20 17.33 19.53 16.36
N ALA C 21 18.20 18.87 17.11
CA ALA C 21 18.91 17.69 16.63
C ALA C 21 18.70 16.58 17.63
N LEU C 22 18.75 15.36 17.15
CA LEU C 22 18.63 14.18 17.96
C LEU C 22 19.71 13.18 17.61
N THR C 23 20.39 12.68 18.64
CA THR C 23 21.33 11.58 18.47
C THR C 23 20.90 10.39 19.27
N VAL C 24 21.05 9.19 18.70
CA VAL C 24 20.72 7.96 19.40
C VAL C 24 21.98 7.06 19.44
N ASP C 25 22.39 6.68 20.65
CA ASP C 25 23.58 5.86 20.89
C ASP C 25 23.20 4.56 21.57
N PRO C 26 23.67 3.43 21.05
CA PRO C 26 23.42 2.20 21.76
C PRO C 26 24.40 1.99 22.92
N ARG C 27 23.92 1.37 23.99
CA ARG C 27 24.75 1.05 25.16
C ARG C 27 24.73 -0.43 25.44
N ALA C 28 25.92 -1.01 25.60
CA ALA C 28 26.07 -2.44 25.83
C ALA C 28 25.46 -2.94 27.15
N PRO C 29 25.00 -4.21 27.17
CA PRO C 29 24.63 -4.85 28.41
C PRO C 29 25.85 -5.01 29.33
N GLU C 30 25.60 -5.18 30.63
CA GLU C 30 26.66 -5.48 31.60
C GLU C 30 26.61 -6.93 32.00
N PHE C 31 27.77 -7.46 32.42
CA PHE C 31 27.88 -8.85 32.79
C PHE C 31 28.61 -8.98 34.14
N VAL C 32 28.38 -10.10 34.82
CA VAL C 32 29.08 -10.43 36.07
C VAL C 32 29.76 -11.78 35.92
N ALA C 33 31.01 -11.86 36.38
CA ALA C 33 31.74 -13.10 36.31
C ALA C 33 31.15 -14.03 37.35
N LEU C 34 30.90 -15.28 36.97
CA LEU C 34 30.38 -16.30 37.88
C LEU C 34 31.56 -17.05 38.48
N ASP C 35 31.33 -17.74 39.58
CA ASP C 35 32.38 -18.55 40.20
C ASP C 35 32.90 -19.64 39.26
N SER C 36 32.13 -20.03 38.25
CA SER C 36 32.54 -21.09 37.32
C SER C 36 33.45 -20.64 36.20
N GLY C 37 33.63 -19.34 36.04
CA GLY C 37 34.44 -18.84 34.94
C GLY C 37 33.58 -18.32 33.80
N ALA C 38 32.28 -18.57 33.88
CA ALA C 38 31.35 -18.07 32.89
C ALA C 38 30.93 -16.66 33.25
N PHE C 39 30.22 -16.03 32.33
CA PHE C 39 29.80 -14.66 32.55
C PHE C 39 28.29 -14.64 32.42
N LYS C 40 27.63 -13.90 33.30
CA LYS C 40 26.16 -13.80 33.26
C LYS C 40 25.73 -12.39 32.99
N LEU C 41 24.77 -12.24 32.07
CA LEU C 41 24.23 -10.92 31.81
C LEU C 41 23.55 -10.42 33.05
N SER C 42 23.96 -9.24 33.52
CA SER C 42 23.47 -8.69 34.79
C SER C 42 22.65 -7.42 34.62
N LYS C 43 22.84 -6.73 33.51
CA LYS C 43 21.99 -5.58 33.19
C LYS C 43 21.82 -5.49 31.66
N ASP C 44 20.59 -5.33 31.21
CA ASP C 44 20.35 -5.13 29.79
C ASP C 44 21.02 -3.92 29.26
N GLY C 45 21.34 -3.99 27.99
CA GLY C 45 21.67 -2.82 27.22
C GLY C 45 20.48 -1.91 27.06
N PHE C 46 20.75 -0.74 26.49
CA PHE C 46 19.72 0.27 26.30
C PHE C 46 20.17 1.30 25.27
N LEU C 47 19.28 2.22 24.94
CA LEU C 47 19.56 3.28 23.99
C LEU C 47 19.52 4.62 24.69
N LEU C 48 20.43 5.52 24.33
CA LEU C 48 20.41 6.86 24.87
C LEU C 48 20.02 7.84 23.81
N LEU C 49 18.94 8.58 24.06
CA LEU C 49 18.54 9.65 23.17
C LEU C 49 19.07 10.97 23.71
N GLN C 50 19.62 11.82 22.84
CA GLN C 50 20.05 13.15 23.25
C GLN C 50 19.50 14.17 22.29
N PHE C 51 18.84 15.18 22.83
CA PHE C 51 18.20 16.20 22.02
C PHE C 51 18.93 17.50 22.31
N ALA C 52 19.21 18.28 21.28
CA ALA C 52 19.82 19.58 21.47
C ALA C 52 19.04 20.65 20.71
N PRO C 53 18.90 21.83 21.31
CA PRO C 53 18.20 22.94 20.63
C PRO C 53 19.10 23.65 19.64
N SER C 54 18.48 24.17 18.59
CA SER C 54 19.16 25.02 17.64
C SER C 54 19.64 26.27 18.36
N ALA C 55 20.78 26.77 17.93
CA ALA C 55 21.39 27.96 18.49
C ALA C 55 21.99 28.72 17.34
N GLY C 56 21.13 29.14 16.41
CA GLY C 56 21.57 29.85 15.23
C GLY C 56 21.58 28.94 14.02
N VAL C 57 21.84 29.54 12.86
CA VAL C 57 21.78 28.80 11.59
C VAL C 57 22.76 27.62 11.59
N ARG C 58 22.25 26.43 11.37
CA ARG C 58 23.06 25.21 11.34
C ARG C 58 23.90 25.02 12.61
N GLN C 59 23.51 25.71 13.68
CA GLN C 59 24.14 25.52 14.99
C GLN C 59 23.15 24.82 15.95
N TYR C 60 23.66 23.87 16.75
CA TYR C 60 22.91 23.30 17.87
C TYR C 60 23.74 23.43 19.16
N ASP C 61 23.08 23.70 20.28
CA ASP C 61 23.76 23.95 21.55
C ASP C 61 23.79 22.73 22.47
N TRP C 62 24.79 21.88 22.32
CA TRP C 62 24.80 20.63 23.08
C TRP C 62 24.97 20.79 24.59
N SER C 63 25.33 22.01 25.04
CA SER C 63 25.45 22.27 26.47
C SER C 63 24.06 22.38 27.08
N LYS C 64 23.07 22.66 26.23
CA LYS C 64 21.70 22.68 26.70
C LYS C 64 20.94 21.42 26.28
N LYS C 65 21.66 20.33 26.08
CA LYS C 65 21.00 19.08 25.65
C LYS C 65 20.16 18.49 26.77
N GLN C 66 19.14 17.73 26.38
CA GLN C 66 18.36 16.92 27.32
C GLN C 66 18.42 15.47 26.85
N VAL C 67 18.40 14.53 27.78
CA VAL C 67 18.62 13.14 27.41
C VAL C 67 17.51 12.27 27.97
N PHE C 68 17.32 11.12 27.33
CA PHE C 68 16.29 10.19 27.75
C PHE C 68 16.74 8.80 27.32
N SER C 69 16.72 7.84 28.23
CA SER C 69 17.09 6.48 27.91
CA SER C 69 17.09 6.49 27.91
C SER C 69 15.87 5.67 27.45
N LEU C 70 16.10 4.70 26.58
CA LEU C 70 15.05 3.75 26.19
C LEU C 70 15.51 2.39 26.59
N SER C 71 14.80 1.80 27.54
CA SER C 71 15.01 0.42 27.91
C SER C 71 14.60 -0.56 26.80
N VAL C 72 15.01 -1.81 26.99
CA VAL C 72 14.60 -2.91 26.11
C VAL C 72 13.08 -2.99 26.00
N THR C 73 12.39 -2.86 27.12
CA THR C 73 10.92 -2.90 27.09
C THR C 73 10.32 -1.70 26.36
N GLU C 74 10.89 -0.51 26.56
CA GLU C 74 10.45 0.66 25.84
C GLU C 74 10.72 0.57 24.33
N ILE C 75 11.82 -0.07 23.97
CA ILE C 75 12.08 -0.33 22.57
C ILE C 75 10.99 -1.29 22.03
N GLY C 76 10.64 -2.28 22.84
CA GLY C 76 9.53 -3.19 22.56
C GLY C 76 8.23 -2.47 22.25
N THR C 77 7.92 -1.41 22.99
CA THR C 77 6.78 -0.54 22.70
C THR C 77 6.92 0.08 21.33
N LEU C 78 8.09 0.65 21.04
CA LEU C 78 8.27 1.38 19.80
C LEU C 78 8.20 0.48 18.58
N VAL C 79 8.80 -0.71 18.67
CA VAL C 79 8.83 -1.58 17.50
C VAL C 79 7.49 -2.26 17.26
N SER C 80 6.64 -2.31 18.28
CA SER C 80 5.35 -2.95 18.12
C SER C 80 4.22 -1.92 17.96
N LEU C 81 4.54 -0.64 17.85
CA LEU C 81 3.51 0.38 17.67
C LEU C 81 2.76 0.19 16.38
N GLY C 82 1.46 0.46 16.41
CA GLY C 82 0.71 0.47 15.16
C GLY C 82 1.23 1.62 14.31
N PRO C 83 0.89 1.60 13.03
CA PRO C 83 1.48 2.58 12.08
C PRO C 83 1.25 4.06 12.43
N ARG C 84 0.08 4.38 13.01
CA ARG C 84 -0.22 5.74 13.46
C ARG C 84 -0.62 5.78 14.93
N GLU C 85 -0.04 4.90 15.72
CA GLU C 85 -0.34 4.83 17.13
C GLU C 85 0.58 5.78 17.91
N SER C 86 0.01 6.45 18.90
CA SER C 86 0.76 7.34 19.78
C SER C 86 1.34 6.60 20.98
N CYS C 87 2.46 7.09 21.54
CA CYS C 87 2.96 6.55 22.82
C CYS C 87 3.71 7.63 23.58
N GLU C 88 3.92 7.36 24.85
CA GLU C 88 4.50 8.34 25.75
C GLU C 88 5.19 7.55 26.82
N PHE C 89 6.33 8.07 27.26
CA PHE C 89 7.04 7.42 28.36
C PHE C 89 7.38 8.50 29.39
N PHE C 90 7.24 8.13 30.67
CA PHE C 90 7.52 9.04 31.78
C PHE C 90 8.68 8.50 32.61
N HIS C 91 9.68 9.34 32.86
CA HIS C 91 10.85 8.97 33.66
C HIS C 91 11.10 10.02 34.76
N ASP C 92 11.57 9.52 35.90
CA ASP C 92 12.19 10.32 36.94
C ASP C 92 13.64 9.85 37.05
N PRO C 93 14.59 10.66 36.59
CA PRO C 93 15.99 10.22 36.48
C PRO C 93 16.55 9.78 37.83
N PHE C 94 16.04 10.33 38.92
CA PHE C 94 16.59 10.04 40.24
C PHE C 94 15.59 9.28 41.09
N LYS C 95 14.78 8.44 40.45
CA LYS C 95 13.81 7.64 41.19
C LYS C 95 14.56 6.78 42.20
N GLY C 96 13.87 6.42 43.29
CA GLY C 96 14.43 5.56 44.31
C GLY C 96 15.52 6.21 45.15
N LYS C 97 15.59 7.54 45.08
CA LYS C 97 16.64 8.28 45.75
C LYS C 97 16.11 9.60 46.31
N SER C 98 16.95 10.33 47.05
CA SER C 98 16.54 11.55 47.73
C SER C 98 16.19 12.68 46.76
N ASP C 99 16.53 12.48 45.49
CA ASP C 99 16.28 13.48 44.46
C ASP C 99 14.96 13.20 43.72
N GLU C 100 14.32 12.08 44.05
CA GLU C 100 13.06 11.66 43.44
C GLU C 100 11.93 12.71 43.57
N GLY C 101 11.23 12.96 42.46
CA GLY C 101 10.06 13.82 42.48
C GLY C 101 10.33 15.24 41.99
N LYS C 102 11.62 15.58 41.85
CA LYS C 102 12.01 16.94 41.52
C LYS C 102 12.34 17.13 40.04
N VAL C 103 12.57 16.02 39.34
CA VAL C 103 12.78 16.06 37.89
C VAL C 103 11.88 15.03 37.21
N ARG C 104 11.15 15.49 36.20
CA ARG C 104 10.20 14.65 35.48
C ARG C 104 10.43 14.83 33.98
N LYS C 105 10.62 13.71 33.26
CA LYS C 105 10.86 13.72 31.83
C LYS C 105 9.71 12.95 31.14
N VAL C 106 9.14 13.53 30.10
CA VAL C 106 8.16 12.86 29.28
C VAL C 106 8.65 12.89 27.86
N LEU C 107 8.72 11.69 27.27
CA LEU C 107 9.03 11.54 25.87
C LEU C 107 7.74 11.15 25.15
N LYS C 108 7.33 11.95 24.16
CA LYS C 108 6.15 11.62 23.32
C LYS C 108 6.65 11.27 21.95
N VAL C 109 6.08 10.19 21.40
CA VAL C 109 6.33 9.79 20.02
C VAL C 109 4.96 9.65 19.33
N GLU C 110 4.72 10.47 18.32
CA GLU C 110 3.41 10.51 17.71
C GLU C 110 3.51 10.79 16.22
N PRO C 111 2.52 10.34 15.46
CA PRO C 111 2.41 10.67 14.03
C PRO C 111 2.20 12.15 13.84
N LEU C 112 2.73 12.70 12.76
CA LEU C 112 2.44 14.07 12.39
C LEU C 112 1.04 14.12 11.81
N PRO C 113 0.36 15.26 12.02
CA PRO C 113 -1.03 15.39 11.60
C PRO C 113 -1.10 15.31 10.09
N ASP C 114 -2.12 14.63 9.59
CA ASP C 114 -2.27 14.43 8.16
C ASP C 114 -0.93 14.31 7.42
N GLY C 115 0.03 13.66 8.06
CA GLY C 115 1.26 13.40 7.40
C GLY C 115 1.69 11.98 7.62
N SER C 116 2.82 11.67 7.02
CA SER C 116 3.41 10.33 7.05
C SER C 116 4.60 10.26 8.03
N GLY C 117 5.10 11.41 8.50
CA GLY C 117 6.16 11.40 9.50
C GLY C 117 5.69 11.25 10.95
N HIS C 118 6.64 11.36 11.89
CA HIS C 118 6.38 11.42 13.34
C HIS C 118 7.08 12.63 13.92
N PHE C 119 6.79 12.93 15.18
CA PHE C 119 7.67 13.79 15.96
C PHE C 119 8.07 13.08 17.23
N PHE C 120 9.25 13.41 17.74
CA PHE C 120 9.60 13.08 19.11
C PHE C 120 9.61 14.39 19.88
N ASN C 121 9.03 14.38 21.07
CA ASN C 121 9.09 15.54 21.94
C ASN C 121 9.55 15.10 23.31
N LEU C 122 10.58 15.77 23.82
CA LEU C 122 11.07 15.50 25.15
C LEU C 122 10.85 16.73 26.01
N SER C 123 10.07 16.55 27.07
CA SER C 123 9.80 17.63 28.03
C SER C 123 10.53 17.33 29.32
N VAL C 124 11.23 18.33 29.89
CA VAL C 124 11.90 18.16 31.17
C VAL C 124 11.47 19.30 32.11
N GLN C 125 10.79 18.94 33.19
CA GLN C 125 10.49 19.87 34.26
C GLN C 125 11.45 19.65 35.41
N ASN C 126 12.17 20.71 35.77
CA ASN C 126 13.21 20.60 36.78
C ASN C 126 12.95 21.59 37.91
N LYS C 127 12.44 21.06 39.03
CA LYS C 127 12.07 21.86 40.20
C LYS C 127 13.30 22.24 41.03
N LEU C 128 14.41 21.56 40.77
CA LEU C 128 15.67 21.88 41.41
C LEU C 128 16.15 23.27 40.98
N VAL C 129 15.87 23.64 39.73
CA VAL C 129 16.39 24.87 39.14
C VAL C 129 15.28 25.86 38.76
N ASN C 130 14.03 25.41 38.84
CA ASN C 130 12.89 26.22 38.42
C ASN C 130 12.90 26.52 36.91
N VAL C 131 13.35 25.56 36.12
CA VAL C 131 13.38 25.73 34.66
C VAL C 131 12.89 24.44 33.99
N ASP C 132 11.82 24.56 33.19
CA ASP C 132 11.38 23.42 32.38
C ASP C 132 11.71 23.71 30.93
N GLU C 133 12.01 22.67 30.17
CA GLU C 133 12.45 22.82 28.79
C GLU C 133 11.72 21.75 27.98
N SER C 134 11.51 22.02 26.71
CA SER C 134 10.84 21.08 25.82
C SER C 134 11.51 21.21 24.47
N ILE C 135 11.83 20.06 23.87
CA ILE C 135 12.48 20.02 22.59
C ILE C 135 11.66 19.08 21.70
N TYR C 136 11.22 19.62 20.57
CA TYR C 136 10.43 18.93 19.56
C TYR C 136 11.30 18.73 18.34
N ILE C 137 11.23 17.55 17.74
CA ILE C 137 11.90 17.34 16.48
C ILE C 137 11.02 16.48 15.55
N PRO C 138 10.83 16.96 14.31
CA PRO C 138 10.06 16.15 13.38
C PRO C 138 10.98 15.11 12.72
N ILE C 139 10.40 13.97 12.39
CA ILE C 139 11.10 12.80 11.85
C ILE C 139 10.32 12.36 10.63
N THR C 140 10.96 12.31 9.46
CA THR C 140 10.27 11.87 8.25
C THR C 140 9.97 10.37 8.31
N ARG C 141 9.08 9.91 7.45
CA ARG C 141 8.72 8.50 7.39
C ARG C 141 9.99 7.63 7.12
N ALA C 142 10.87 8.13 6.28
CA ALA C 142 12.09 7.38 5.92
C ALA C 142 13.05 7.31 7.12
N GLU C 143 13.20 8.45 7.80
CA GLU C 143 14.05 8.52 8.99
C GLU C 143 13.54 7.60 10.09
N PHE C 144 12.22 7.56 10.27
CA PHE C 144 11.58 6.70 11.28
C PHE C 144 11.78 5.25 10.93
N ALA C 145 11.68 4.89 9.65
CA ALA C 145 11.95 3.53 9.21
C ALA C 145 13.40 3.09 9.51
N VAL C 146 14.35 3.99 9.33
CA VAL C 146 15.76 3.70 9.70
C VAL C 146 15.89 3.43 11.20
N LEU C 147 15.27 4.29 12.02
CA LEU C 147 15.28 4.09 13.45
C LEU C 147 14.67 2.74 13.84
N ILE C 148 13.49 2.43 13.31
CA ILE C 148 12.85 1.19 13.66
C ILE C 148 13.69 -0.02 13.20
N SER C 149 14.30 0.10 12.04
CA SER C 149 15.21 -0.93 11.55
C SER C 149 16.35 -1.12 12.54
N ALA C 150 16.94 0.00 12.98
CA ALA C 150 18.04 -0.04 13.95
C ALA C 150 17.62 -0.64 15.28
N PHE C 151 16.44 -0.25 15.76
CA PHE C 151 15.92 -0.75 17.02
C PHE C 151 15.62 -2.24 17.00
N ASN C 152 14.97 -2.71 15.94
CA ASN C 152 14.72 -4.14 15.78
C ASN C 152 16.03 -4.95 15.69
N PHE C 153 17.00 -4.43 14.96
CA PHE C 153 18.28 -5.10 14.83
C PHE C 153 18.93 -5.27 16.21
N VAL C 154 18.93 -4.19 17.00
CA VAL C 154 19.80 -4.12 18.19
C VAL C 154 19.20 -4.86 19.39
N LEU C 155 17.87 -4.98 19.46
CA LEU C 155 17.21 -5.60 20.60
C LEU C 155 17.82 -6.90 21.10
N PRO C 156 17.98 -7.92 20.23
CA PRO C 156 18.54 -9.19 20.66
C PRO C 156 19.98 -9.04 21.21
N TYR C 157 20.72 -8.05 20.75
CA TYR C 157 22.07 -7.85 21.24
C TYR C 157 22.02 -7.19 22.62
N LEU C 158 21.00 -6.38 22.87
CA LEU C 158 20.88 -5.68 24.15
C LEU C 158 20.58 -6.63 25.29
N ILE C 159 20.02 -7.80 24.97
CA ILE C 159 19.73 -8.83 25.96
C ILE C 159 20.73 -9.97 25.88
N GLY C 160 21.79 -9.76 25.09
CA GLY C 160 22.90 -10.71 25.00
C GLY C 160 22.67 -11.98 24.23
N TRP C 161 21.55 -12.06 23.50
CA TRP C 161 21.19 -13.35 22.93
C TRP C 161 22.02 -13.74 21.72
N HIS C 162 22.81 -12.83 21.22
CA HIS C 162 23.75 -13.25 20.20
C HIS C 162 24.94 -14.04 20.78
N ALA C 163 25.04 -14.16 22.11
CA ALA C 163 26.30 -14.63 22.70
C ALA C 163 26.21 -15.97 23.42
N PHE C 164 25.06 -16.63 23.35
CA PHE C 164 24.83 -17.85 24.12
C PHE C 164 25.44 -19.13 23.52
N ALA C 165 25.86 -19.10 22.27
CA ALA C 165 26.42 -20.31 21.62
C ALA C 165 27.88 -20.08 21.22
N ASN C 166 28.64 -19.52 22.14
CA ASN C 166 30.03 -19.18 21.93
C ASN C 166 30.94 -20.42 22.02
N SER C 167 30.43 -21.49 22.62
CA SER C 167 31.24 -22.67 22.94
C SER C 167 31.04 -23.86 21.98
N ILE C 168 30.64 -23.55 20.76
CA ILE C 168 30.30 -24.54 19.73
C ILE C 168 31.21 -25.77 19.72
N LYS C 169 32.53 -25.56 19.69
CA LYS C 169 33.49 -26.66 19.65
C LYS C 169 33.63 -27.34 21.02
N ALA C 170 32.72 -28.27 21.28
CA ALA C 170 32.66 -28.97 22.56
C ALA C 170 32.06 -30.35 22.37
N LEU D 5 45.39 -5.68 6.24
CA LEU D 5 45.60 -7.09 6.55
C LEU D 5 44.34 -7.97 6.38
N PRO D 6 43.15 -7.44 6.71
CA PRO D 6 41.96 -8.30 6.62
C PRO D 6 41.46 -8.43 5.18
N ALA D 7 40.95 -9.60 4.84
CA ALA D 7 40.52 -9.87 3.46
C ALA D 7 39.36 -8.97 3.04
N ARG D 8 39.39 -8.53 1.78
CA ARG D 8 38.46 -7.56 1.24
C ARG D 8 37.50 -8.26 0.26
N PHE D 9 36.21 -8.03 0.44
CA PHE D 9 35.19 -8.72 -0.34
C PHE D 9 34.32 -7.77 -1.13
N TYR D 10 34.18 -8.02 -2.42
CA TYR D 10 33.22 -7.33 -3.28
C TYR D 10 32.05 -8.27 -3.55
N VAL D 11 30.83 -7.78 -3.27
CA VAL D 11 29.66 -8.62 -3.31
C VAL D 11 28.48 -7.98 -4.05
N GLY D 12 28.79 -7.24 -5.11
CA GLY D 12 27.79 -6.74 -6.03
C GLY D 12 26.74 -7.76 -6.36
N HIS D 13 25.48 -7.34 -6.26
CA HIS D 13 24.37 -8.19 -6.58
C HIS D 13 23.70 -7.65 -7.83
N SER D 14 23.54 -8.52 -8.85
CA SER D 14 23.15 -8.08 -10.20
C SER D 14 21.87 -8.72 -10.67
N ILE D 15 21.12 -7.91 -11.43
CA ILE D 15 19.93 -8.32 -12.15
C ILE D 15 20.19 -8.02 -13.64
N TYR D 16 20.04 -9.05 -14.46
CA TYR D 16 20.35 -8.99 -15.88
C TYR D 16 19.09 -9.23 -16.70
N LYS D 17 18.72 -8.25 -17.52
CA LYS D 17 17.50 -8.35 -18.29
C LYS D 17 17.79 -8.19 -19.79
N GLY D 18 16.73 -8.15 -20.60
CA GLY D 18 16.86 -8.04 -22.04
C GLY D 18 17.60 -6.82 -22.55
N LYS D 19 17.27 -5.65 -22.03
CA LYS D 19 17.79 -4.40 -22.56
C LYS D 19 18.72 -3.67 -21.59
N ALA D 20 18.93 -4.24 -20.40
CA ALA D 20 19.74 -3.55 -19.40
C ALA D 20 20.04 -4.46 -18.23
N ALA D 21 21.07 -4.07 -17.47
CA ALA D 21 21.48 -4.76 -16.26
C ALA D 21 21.62 -3.75 -15.10
N LEU D 22 21.43 -4.26 -13.88
CA LEU D 22 21.61 -3.46 -12.70
C LEU D 22 22.52 -4.21 -11.73
N THR D 23 23.52 -3.52 -11.19
CA THR D 23 24.33 -4.06 -10.10
C THR D 23 24.27 -3.16 -8.87
N VAL D 24 24.00 -3.79 -7.74
CA VAL D 24 23.96 -3.06 -6.47
C VAL D 24 25.11 -3.48 -5.57
N ASP D 25 25.94 -2.52 -5.19
CA ASP D 25 27.09 -2.75 -4.32
C ASP D 25 26.97 -2.00 -3.03
N PRO D 26 27.08 -2.71 -1.91
CA PRO D 26 27.09 -2.05 -0.61
C PRO D 26 28.44 -1.42 -0.34
N ARG D 27 28.45 -0.25 0.27
CA ARG D 27 29.66 0.48 0.58
C ARG D 27 29.73 0.74 2.08
N ALA D 28 30.86 0.37 2.69
CA ALA D 28 30.99 0.42 4.14
C ALA D 28 30.98 1.83 4.70
N PRO D 29 30.53 1.97 5.96
CA PRO D 29 30.69 3.19 6.72
C PRO D 29 32.19 3.43 6.89
N GLU D 30 32.61 4.69 7.05
CA GLU D 30 34.00 5.03 7.40
C GLU D 30 34.07 5.37 8.88
N PHE D 31 35.22 5.08 9.49
CA PHE D 31 35.46 5.41 10.89
C PHE D 31 36.77 6.22 10.95
N VAL D 32 36.91 7.08 11.95
CA VAL D 32 38.20 7.71 12.25
C VAL D 32 38.73 7.18 13.59
N ALA D 33 40.06 7.08 13.72
CA ALA D 33 40.69 6.64 14.96
C ALA D 33 41.02 7.84 15.84
N LEU D 34 40.43 7.87 17.03
CA LEU D 34 40.71 8.92 18.01
C LEU D 34 42.02 8.69 18.75
N ASP D 35 42.56 9.76 19.35
CA ASP D 35 43.80 9.66 20.12
C ASP D 35 43.70 8.57 21.20
N SER D 36 42.47 8.26 21.61
CA SER D 36 42.25 7.25 22.65
C SER D 36 42.20 5.82 22.11
N GLY D 37 42.36 5.67 20.80
CA GLY D 37 42.28 4.36 20.17
C GLY D 37 40.87 3.94 19.76
N ALA D 38 39.85 4.59 20.32
CA ALA D 38 38.46 4.30 19.97
C ALA D 38 38.19 4.66 18.51
N PHE D 39 37.19 4.01 17.92
CA PHE D 39 36.81 4.28 16.54
C PHE D 39 35.50 5.04 16.53
N LYS D 40 35.47 6.17 15.82
CA LYS D 40 34.26 6.97 15.72
C LYS D 40 33.71 6.94 14.30
N LEU D 41 32.42 6.65 14.17
CA LEU D 41 31.77 6.72 12.86
C LEU D 41 31.91 8.12 12.28
N SER D 42 32.41 8.23 11.06
CA SER D 42 32.58 9.55 10.44
C SER D 42 31.73 9.70 9.18
N LYS D 43 31.36 8.59 8.57
CA LYS D 43 30.45 8.63 7.42
C LYS D 43 29.66 7.33 7.34
N ASP D 44 28.36 7.46 7.19
CA ASP D 44 27.47 6.31 6.93
C ASP D 44 27.84 5.55 5.66
N GLY D 45 27.60 4.26 5.67
CA GLY D 45 27.61 3.49 4.42
C GLY D 45 26.46 3.89 3.50
N PHE D 46 26.46 3.34 2.30
CA PHE D 46 25.44 3.59 1.29
C PHE D 46 25.49 2.49 0.28
N LEU D 47 24.55 2.52 -0.66
CA LEU D 47 24.55 1.55 -1.74
C LEU D 47 24.79 2.30 -3.03
N LEU D 48 25.53 1.65 -3.92
CA LEU D 48 25.79 2.19 -5.24
C LEU D 48 25.07 1.36 -6.27
N LEU D 49 24.16 1.99 -6.99
CA LEU D 49 23.42 1.33 -8.05
C LEU D 49 24.13 1.64 -9.36
N GLN D 50 24.38 0.59 -10.13
CA GLN D 50 25.01 0.76 -11.45
C GLN D 50 24.16 0.11 -12.52
N PHE D 51 23.74 0.93 -13.49
CA PHE D 51 22.89 0.51 -14.59
C PHE D 51 23.70 0.53 -15.90
N ALA D 52 23.52 -0.48 -16.73
CA ALA D 52 24.21 -0.52 -18.02
C ALA D 52 23.29 -1.06 -19.13
N PRO D 53 23.41 -0.49 -20.35
CA PRO D 53 22.67 -0.88 -21.56
C PRO D 53 23.12 -2.22 -22.09
N SER D 54 22.25 -3.00 -22.71
CA SER D 54 22.70 -4.25 -23.32
C SER D 54 23.60 -3.92 -24.53
N ALA D 55 24.55 -4.80 -24.80
CA ALA D 55 25.41 -4.67 -25.97
C ALA D 55 25.65 -6.06 -26.50
N GLY D 56 24.58 -6.66 -27.00
CA GLY D 56 24.58 -8.07 -27.35
C GLY D 56 23.48 -8.73 -26.55
N VAL D 57 23.59 -10.05 -26.37
CA VAL D 57 22.55 -10.80 -25.67
C VAL D 57 22.89 -10.86 -24.19
N ARG D 58 23.88 -11.68 -23.86
CA ARG D 58 24.27 -11.89 -22.48
C ARG D 58 25.31 -10.84 -22.06
N GLN D 59 25.28 -9.67 -22.68
CA GLN D 59 26.35 -8.70 -22.48
C GLN D 59 25.83 -7.28 -22.29
N TYR D 60 26.61 -6.48 -21.58
CA TYR D 60 26.20 -5.13 -21.22
C TYR D 60 27.41 -4.21 -21.35
N ASP D 61 27.19 -2.98 -21.78
CA ASP D 61 28.31 -2.07 -21.99
C ASP D 61 28.51 -1.16 -20.79
N TRP D 62 29.36 -1.58 -19.87
CA TRP D 62 29.51 -0.86 -18.62
C TRP D 62 30.29 0.42 -18.77
N SER D 63 30.83 0.65 -19.98
CA SER D 63 31.48 1.92 -20.28
C SER D 63 30.41 2.94 -20.52
N LYS D 64 29.20 2.48 -20.78
CA LYS D 64 28.07 3.39 -20.91
C LYS D 64 27.19 3.34 -19.66
N LYS D 65 27.77 2.93 -18.53
CA LYS D 65 27.02 2.79 -17.29
C LYS D 65 26.61 4.15 -16.73
N GLN D 66 25.50 4.17 -15.99
CA GLN D 66 25.10 5.32 -15.21
C GLN D 66 24.88 4.81 -13.77
N VAL D 67 25.16 5.66 -12.80
CA VAL D 67 25.18 5.24 -11.40
C VAL D 67 24.42 6.21 -10.54
N PHE D 68 23.97 5.71 -9.39
CA PHE D 68 23.14 6.48 -8.48
C PHE D 68 23.32 5.87 -7.09
N SER D 69 23.61 6.69 -6.11
CA SER D 69 23.84 6.19 -4.77
CA SER D 69 23.84 6.22 -4.76
C SER D 69 22.54 6.25 -3.94
N LEU D 70 22.36 5.28 -3.05
CA LEU D 70 21.23 5.33 -2.13
C LEU D 70 21.76 5.48 -0.73
N SER D 71 21.43 6.59 -0.10
CA SER D 71 21.78 6.84 1.28
C SER D 71 20.96 5.97 2.22
N VAL D 72 21.38 5.96 3.48
CA VAL D 72 20.63 5.32 4.54
C VAL D 72 19.15 5.75 4.54
N THR D 73 18.90 7.06 4.44
CA THR D 73 17.52 7.55 4.50
C THR D 73 16.72 7.14 3.27
N GLU D 74 17.36 7.15 2.11
CA GLU D 74 16.71 6.69 0.90
C GLU D 74 16.41 5.20 0.96
N ILE D 75 17.29 4.41 1.59
CA ILE D 75 16.99 3.01 1.79
C ILE D 75 15.77 2.91 2.71
N GLY D 76 15.70 3.78 3.72
CA GLY D 76 14.54 3.87 4.55
C GLY D 76 13.22 4.06 3.80
N THR D 77 13.22 4.93 2.80
CA THR D 77 12.07 5.09 1.90
C THR D 77 11.71 3.78 1.22
N LEU D 78 12.72 3.10 0.70
CA LEU D 78 12.50 1.90 -0.04
C LEU D 78 11.96 0.75 0.82
N VAL D 79 12.50 0.58 2.04
CA VAL D 79 12.05 -0.55 2.86
C VAL D 79 10.68 -0.27 3.48
N SER D 80 10.28 0.99 3.49
CA SER D 80 8.97 1.33 4.05
C SER D 80 7.86 1.57 3.03
N LEU D 81 8.15 1.37 1.75
CA LEU D 81 7.16 1.60 0.69
C LEU D 81 6.00 0.68 0.85
N GLY D 82 4.81 1.19 0.55
CA GLY D 82 3.66 0.31 0.41
C GLY D 82 3.89 -0.61 -0.77
N PRO D 83 3.11 -1.69 -0.85
CA PRO D 83 3.36 -2.75 -1.85
C PRO D 83 3.27 -2.31 -3.32
N ARG D 84 2.46 -1.31 -3.63
CA ARG D 84 2.35 -0.77 -4.96
C ARG D 84 2.50 0.75 -4.94
N GLU D 85 3.21 1.26 -3.94
CA GLU D 85 3.54 2.66 -3.86
C GLU D 85 4.73 3.04 -4.75
N SER D 86 4.63 4.19 -5.39
CA SER D 86 5.71 4.70 -6.24
C SER D 86 6.66 5.58 -5.44
N CYS D 87 7.92 5.68 -5.85
CA CYS D 87 8.79 6.68 -5.27
C CYS D 87 9.88 7.15 -6.23
N GLU D 88 10.54 8.19 -5.84
CA GLU D 88 11.44 8.81 -6.78
C GLU D 88 12.43 9.64 -6.00
N PHE D 89 13.68 9.68 -6.49
CA PHE D 89 14.76 10.37 -5.83
C PHE D 89 15.46 11.23 -6.87
N PHE D 90 15.84 12.44 -6.47
CA PHE D 90 16.49 13.40 -7.36
C PHE D 90 17.85 13.74 -6.77
N HIS D 91 18.90 13.58 -7.55
CA HIS D 91 20.23 13.96 -7.10
C HIS D 91 20.83 14.98 -8.04
N ASP D 92 21.46 15.99 -7.43
CA ASP D 92 22.42 16.86 -8.11
C ASP D 92 23.82 16.55 -7.55
N PRO D 93 24.58 15.69 -8.25
CA PRO D 93 25.86 15.12 -7.79
C PRO D 93 26.96 16.14 -7.47
N PHE D 94 26.77 17.39 -7.86
CA PHE D 94 27.77 18.41 -7.56
C PHE D 94 27.15 19.61 -6.87
N LYS D 95 26.07 19.35 -6.13
CA LYS D 95 25.56 20.34 -5.19
C LYS D 95 26.69 20.74 -4.26
N GLY D 96 26.82 22.04 -4.01
CA GLY D 96 27.85 22.56 -3.12
C GLY D 96 29.16 22.84 -3.82
N LYS D 97 29.48 22.04 -4.84
CA LYS D 97 30.70 22.21 -5.64
C LYS D 97 30.49 23.20 -6.78
N SER D 98 31.47 23.29 -7.68
CA SER D 98 31.43 24.25 -8.78
C SER D 98 30.48 23.81 -9.90
N ASP D 99 30.32 22.51 -10.07
CA ASP D 99 29.49 21.97 -11.16
C ASP D 99 28.02 21.75 -10.75
N GLU D 100 27.53 22.52 -9.80
CA GLU D 100 26.15 22.40 -9.33
C GLU D 100 25.14 22.92 -10.36
N GLY D 101 24.05 22.19 -10.54
CA GLY D 101 22.97 22.59 -11.42
C GLY D 101 23.12 22.02 -12.83
N LYS D 102 24.31 21.54 -13.10
CA LYS D 102 24.66 21.07 -14.43
C LYS D 102 24.34 19.58 -14.60
N VAL D 103 24.36 18.85 -13.48
CA VAL D 103 24.02 17.43 -13.51
C VAL D 103 22.77 17.16 -12.69
N ARG D 104 21.83 16.45 -13.30
CA ARG D 104 20.61 16.04 -12.61
C ARG D 104 20.36 14.55 -12.86
N LYS D 105 20.13 13.80 -11.78
CA LYS D 105 19.80 12.38 -11.90
C LYS D 105 18.48 12.10 -11.19
N VAL D 106 17.59 11.35 -11.83
CA VAL D 106 16.36 10.91 -11.19
C VAL D 106 16.21 9.40 -11.22
N LEU D 107 16.03 8.80 -10.05
CA LEU D 107 15.75 7.36 -9.94
C LEU D 107 14.28 7.21 -9.61
N LYS D 108 13.55 6.48 -10.45
CA LYS D 108 12.17 6.13 -10.16
C LYS D 108 12.09 4.66 -9.82
N VAL D 109 11.31 4.36 -8.79
CA VAL D 109 11.02 2.98 -8.44
C VAL D 109 9.51 2.86 -8.34
N GLU D 110 8.92 2.03 -9.19
CA GLU D 110 7.46 1.92 -9.30
C GLU D 110 7.00 0.53 -9.62
N PRO D 111 5.78 0.20 -9.20
CA PRO D 111 5.20 -1.06 -9.63
C PRO D 111 4.99 -1.09 -11.13
N LEU D 112 5.10 -2.27 -11.70
CA LEU D 112 4.81 -2.46 -13.10
C LEU D 112 3.30 -2.36 -13.30
N PRO D 113 2.89 -1.74 -14.40
CA PRO D 113 1.46 -1.66 -14.76
C PRO D 113 0.86 -3.06 -14.79
N ASP D 114 -0.24 -3.25 -14.07
CA ASP D 114 -0.94 -4.54 -14.06
C ASP D 114 -0.04 -5.75 -13.78
N GLY D 115 1.04 -5.56 -13.04
CA GLY D 115 1.91 -6.68 -12.75
C GLY D 115 2.24 -6.73 -11.27
N SER D 116 2.93 -7.80 -10.88
CA SER D 116 3.39 -7.95 -9.52
C SER D 116 4.84 -7.46 -9.36
N GLY D 117 5.52 -7.14 -10.46
CA GLY D 117 6.90 -6.66 -10.40
C GLY D 117 7.04 -5.17 -10.22
N HIS D 118 8.28 -4.70 -10.29
CA HIS D 118 8.61 -3.28 -10.28
C HIS D 118 9.54 -2.93 -11.45
N PHE D 119 9.80 -1.65 -11.62
CA PHE D 119 10.92 -1.24 -12.44
C PHE D 119 11.74 -0.19 -11.72
N PHE D 120 13.03 -0.14 -12.07
CA PHE D 120 13.89 0.96 -11.69
C PHE D 120 14.18 1.68 -12.98
N ASN D 121 14.13 3.00 -12.95
CA ASN D 121 14.52 3.78 -14.11
C ASN D 121 15.43 4.88 -13.63
N LEU D 122 16.62 4.95 -14.23
CA LEU D 122 17.58 5.98 -13.89
C LEU D 122 17.78 6.84 -15.12
N SER D 123 17.58 8.13 -14.93
CA SER D 123 17.63 9.09 -16.00
C SER D 123 18.64 10.14 -15.60
N VAL D 124 19.54 10.48 -16.52
CA VAL D 124 20.64 11.39 -16.20
C VAL D 124 20.72 12.45 -17.28
N GLN D 125 20.80 13.70 -16.84
CA GLN D 125 20.98 14.85 -17.73
C GLN D 125 22.21 15.62 -17.27
N ASN D 126 23.28 15.53 -18.05
CA ASN D 126 24.51 16.25 -17.71
C ASN D 126 24.83 17.28 -18.79
N LYS D 127 24.68 18.55 -18.45
CA LYS D 127 24.91 19.63 -19.40
C LYS D 127 26.39 20.04 -19.48
N LEU D 128 27.28 19.13 -19.09
CA LEU D 128 28.72 19.41 -19.06
C LEU D 128 29.46 18.48 -20.00
N VAL D 129 29.09 17.21 -19.99
CA VAL D 129 29.47 16.29 -21.06
C VAL D 129 28.30 16.26 -22.06
N ASN D 130 27.30 17.11 -21.80
CA ASN D 130 26.09 17.24 -22.61
C ASN D 130 25.40 15.91 -22.91
N VAL D 131 25.37 15.01 -21.93
CA VAL D 131 24.74 13.71 -22.13
C VAL D 131 23.30 13.70 -21.64
N ASP D 132 22.50 12.82 -22.22
CA ASP D 132 21.12 12.67 -21.81
C ASP D 132 20.72 11.22 -22.04
N GLU D 133 20.70 10.44 -20.96
CA GLU D 133 20.47 9.00 -21.06
C GLU D 133 19.50 8.56 -19.98
N SER D 134 18.74 7.52 -20.27
CA SER D 134 17.87 6.94 -19.28
C SER D 134 17.86 5.45 -19.49
N ILE D 135 17.97 4.72 -18.39
CA ILE D 135 18.04 3.27 -18.44
C ILE D 135 16.95 2.69 -17.58
N TYR D 136 16.17 1.78 -18.17
CA TYR D 136 15.00 1.16 -17.52
C TYR D 136 15.26 -0.30 -17.31
N ILE D 137 14.94 -0.79 -16.13
CA ILE D 137 15.03 -2.22 -15.92
C ILE D 137 13.86 -2.77 -15.12
N PRO D 138 13.23 -3.83 -15.63
CA PRO D 138 12.16 -4.46 -14.86
C PRO D 138 12.75 -5.42 -13.82
N ILE D 139 11.99 -5.60 -12.76
CA ILE D 139 12.40 -6.40 -11.62
C ILE D 139 11.18 -7.24 -11.29
N THR D 140 11.34 -8.56 -11.27
CA THR D 140 10.25 -9.45 -10.89
C THR D 140 9.96 -9.28 -9.41
N ARG D 141 8.78 -9.73 -9.01
CA ARG D 141 8.39 -9.70 -7.61
C ARG D 141 9.42 -10.44 -6.74
N ALA D 142 9.90 -11.59 -7.20
CA ALA D 142 10.86 -12.38 -6.42
C ALA D 142 12.19 -11.62 -6.28
N GLU D 143 12.63 -10.98 -7.36
CA GLU D 143 13.89 -10.25 -7.37
C GLU D 143 13.80 -9.04 -6.45
N PHE D 144 12.62 -8.41 -6.44
CA PHE D 144 12.41 -7.24 -5.60
C PHE D 144 12.42 -7.66 -4.13
N ALA D 145 11.88 -8.83 -3.82
CA ALA D 145 11.86 -9.34 -2.46
C ALA D 145 13.30 -9.63 -1.96
N VAL D 146 14.15 -10.11 -2.85
CA VAL D 146 15.58 -10.27 -2.55
C VAL D 146 16.24 -8.92 -2.22
N LEU D 147 15.97 -7.92 -3.06
CA LEU D 147 16.47 -6.57 -2.84
C LEU D 147 16.00 -6.01 -1.49
N ILE D 148 14.71 -6.13 -1.23
CA ILE D 148 14.23 -5.60 0.03
C ILE D 148 14.83 -6.31 1.24
N SER D 149 14.96 -7.63 1.16
CA SER D 149 15.64 -8.40 2.21
C SER D 149 17.05 -7.92 2.43
N ALA D 150 17.77 -7.69 1.34
CA ALA D 150 19.14 -7.21 1.39
C ALA D 150 19.24 -5.81 2.02
N PHE D 151 18.34 -4.93 1.60
CA PHE D 151 18.34 -3.56 2.07
C PHE D 151 18.03 -3.51 3.55
N ASN D 152 17.07 -4.32 3.99
CA ASN D 152 16.72 -4.37 5.40
C ASN D 152 17.90 -4.91 6.19
N PHE D 153 18.54 -5.95 5.66
CA PHE D 153 19.69 -6.54 6.33
C PHE D 153 20.82 -5.56 6.51
N VAL D 154 21.08 -4.74 5.50
CA VAL D 154 22.29 -3.95 5.46
C VAL D 154 22.19 -2.65 6.22
N LEU D 155 20.97 -2.16 6.40
CA LEU D 155 20.79 -0.88 7.07
C LEU D 155 21.56 -0.73 8.40
N PRO D 156 21.44 -1.67 9.34
CA PRO D 156 22.24 -1.54 10.59
C PRO D 156 23.77 -1.54 10.38
N TYR D 157 24.27 -2.22 9.34
CA TYR D 157 25.70 -2.14 9.00
C TYR D 157 26.09 -0.78 8.48
N LEU D 158 25.24 -0.17 7.68
CA LEU D 158 25.57 1.11 7.06
C LEU D 158 25.68 2.19 8.11
N ILE D 159 24.96 2.04 9.22
CA ILE D 159 25.08 3.03 10.29
C ILE D 159 26.05 2.61 11.40
N GLY D 160 26.80 1.53 11.19
CA GLY D 160 27.80 1.11 12.15
C GLY D 160 27.33 0.32 13.36
N TRP D 161 26.03 0.03 13.45
CA TRP D 161 25.52 -0.61 14.65
C TRP D 161 25.92 -2.08 14.73
N HIS D 162 26.22 -2.68 13.59
CA HIS D 162 26.81 -4.01 13.56
CA HIS D 162 26.84 -3.99 13.52
C HIS D 162 28.14 -4.01 14.29
N ALA D 163 28.92 -2.94 14.11
CA ALA D 163 30.22 -2.82 14.75
C ALA D 163 30.03 -2.81 16.25
N PHE D 164 29.07 -2.03 16.71
CA PHE D 164 28.71 -2.04 18.12
C PHE D 164 28.28 -3.41 18.57
N ALA D 165 27.35 -4.02 17.84
CA ALA D 165 26.78 -5.26 18.32
C ALA D 165 27.88 -6.31 18.46
N ASN D 166 28.81 -6.29 17.52
CA ASN D 166 29.92 -7.25 17.50
C ASN D 166 30.99 -7.00 18.53
N SER D 167 30.95 -5.83 19.17
CA SER D 167 32.00 -5.47 20.13
C SER D 167 31.59 -5.83 21.56
N ILE D 168 30.38 -6.36 21.72
CA ILE D 168 29.83 -6.56 23.06
C ILE D 168 30.55 -7.66 23.85
N LYS D 169 30.81 -8.78 23.20
CA LYS D 169 31.50 -9.89 23.87
C LYS D 169 32.88 -9.49 24.40
N ALA D 170 33.62 -8.74 23.61
CA ALA D 170 34.93 -8.23 24.02
C ALA D 170 34.79 -7.20 25.13
N ALA D 171 33.80 -6.33 25.00
CA ALA D 171 33.55 -5.34 26.03
C ALA D 171 33.30 -6.03 27.37
N ALA D 172 32.58 -7.15 27.32
CA ALA D 172 32.20 -7.93 28.49
C ALA D 172 33.42 -8.64 29.10
N LEU D 173 34.19 -9.28 28.24
CA LEU D 173 35.29 -10.13 28.66
C LEU D 173 36.39 -9.36 29.41
N GLU D 174 36.28 -8.04 29.45
CA GLU D 174 37.27 -7.24 30.16
C GLU D 174 36.66 -6.15 31.06
N HIS D 175 35.34 -5.93 31.02
CA HIS D 175 34.74 -4.92 31.91
C HIS D 175 33.64 -5.43 32.85
N HIS D 176 33.49 -6.74 32.91
CA HIS D 176 32.48 -7.37 33.77
C HIS D 176 32.69 -7.06 35.23
N HIS D 177 31.60 -7.18 35.98
CA HIS D 177 31.62 -7.05 37.44
C HIS D 177 32.10 -8.37 38.01
N HIS D 178 32.46 -8.36 39.28
CA HIS D 178 32.90 -9.55 39.98
C HIS D 178 32.17 -9.70 41.32
N HIS D 179 31.89 -10.94 41.69
CA HIS D 179 31.43 -11.29 43.04
C HIS D 179 30.74 -12.64 43.06
O1 MES E . -19.46 -5.18 -26.17
C2 MES E . -18.90 -6.32 -26.82
C3 MES E . -19.81 -7.55 -26.85
N4 MES E . -21.21 -7.21 -27.05
C5 MES E . -21.68 -6.12 -26.21
C6 MES E . -20.81 -4.93 -26.56
C7 MES E . -22.11 -8.35 -26.99
C8 MES E . -21.60 -9.39 -27.97
S MES E . -22.51 -10.77 -27.84
O1S MES E . -22.18 -11.47 -26.57
O2S MES E . -23.97 -10.48 -27.82
O3S MES E . -22.14 -11.61 -28.99
H21 MES E . -17.99 -6.59 -26.29
H22 MES E . -18.61 -6.06 -27.83
H31 MES E . -19.70 -8.10 -25.91
H32 MES E . -19.48 -8.22 -27.65
HN4 MES E . -21.27 -6.86 -28.00
H51 MES E . -21.58 -6.39 -25.16
H52 MES E . -22.74 -5.91 -26.41
H61 MES E . -20.85 -4.76 -27.63
H62 MES E . -21.18 -4.04 -26.04
H71 MES E . -23.13 -8.03 -27.27
H72 MES E . -22.14 -8.76 -25.98
H81 MES E . -20.56 -9.61 -27.76
H82 MES E . -21.67 -9.00 -28.99
O1 MES F . -25.04 -30.18 -7.81
C2 MES F . -26.27 -29.45 -7.78
C3 MES F . -26.48 -28.57 -9.03
N4 MES F . -25.20 -27.91 -9.35
C5 MES F . -24.27 -27.90 -8.23
C6 MES F . -23.88 -29.34 -7.92
C7 MES F . -25.37 -26.60 -9.95
C8 MES F . -25.44 -26.65 -11.47
S MES F . -23.90 -26.72 -12.16
O1S MES F . -23.37 -28.07 -11.94
O2S MES F . -24.10 -26.37 -13.58
O3S MES F . -22.96 -25.77 -11.59
H21 MES F . -26.29 -28.80 -6.90
H22 MES F . -27.11 -30.15 -7.70
H31 MES F . -27.24 -27.82 -8.84
H32 MES F . -26.80 -29.18 -9.88
HN4 MES F . -24.77 -28.49 -10.06
H51 MES F . -24.73 -27.44 -7.36
H52 MES F . -23.38 -27.31 -8.49
H61 MES F . -23.24 -29.72 -8.73
H62 MES F . -23.29 -29.38 -7.00
H71 MES F . -24.54 -25.96 -9.65
H72 MES F . -26.28 -26.15 -9.57
H81 MES F . -25.95 -25.75 -11.84
H82 MES F . -26.01 -27.52 -11.79
NI NI G . -50.52 1.06 18.29
O1 MES H . -19.86 26.09 0.55
C2 MES H . -21.13 26.17 -0.12
C3 MES H . -21.14 26.53 -1.61
N4 MES H . -19.78 26.79 -1.99
C5 MES H . -19.10 27.71 -1.10
C6 MES H . -18.74 26.86 0.10
C7 MES H . -19.56 27.02 -3.41
C8 MES H . -20.67 27.85 -4.03
S MES H . -20.49 27.66 -5.67
O1S MES H . -19.82 26.37 -5.92
O2S MES H . -21.82 27.61 -6.33
O3S MES H . -19.69 28.75 -6.27
H21 MES H . -21.74 26.90 0.40
H22 MES H . -21.64 25.20 0.01
H31 MES H . -21.76 27.42 -1.78
H32 MES H . -21.55 25.71 -2.20
HN4 MES H . -19.32 25.91 -1.82
H51 MES H . -19.76 28.53 -0.81
H52 MES H . -18.21 28.12 -1.59
H61 MES H . -17.94 26.16 -0.19
H62 MES H . -18.37 27.50 0.90
H71 MES H . -19.50 26.06 -3.92
H72 MES H . -18.61 27.53 -3.55
H81 MES H . -20.56 28.90 -3.75
H82 MES H . -21.65 27.51 -3.70
P PO4 I . -15.72 11.51 -20.47
O1 PO4 I . -14.67 11.46 -21.53
O2 PO4 I . -16.24 12.92 -20.17
O3 PO4 I . -16.95 10.71 -20.92
O4 PO4 I . -15.19 10.91 -19.24
O1 MES J . 22.79 7.76 31.42
C2 MES J . 22.36 9.01 30.85
C3 MES J . 21.13 9.61 31.54
N4 MES J . 20.05 8.62 31.49
C5 MES J . 20.45 7.22 31.47
C6 MES J . 21.79 7.08 32.16
C7 MES J . 18.81 8.98 30.78
C8 MES J . 17.95 10.04 31.52
S MES J . 16.58 9.31 32.07
O1S MES J . 15.72 10.11 32.96
O2S MES J . 17.02 8.12 32.82
O3S MES J . 15.77 8.85 30.93
H21 MES J . 22.13 8.87 29.80
H22 MES J . 23.18 9.73 30.91
H31 MES J . 20.83 10.51 31.01
H32 MES J . 21.35 9.87 32.58
H51 MES J . 20.52 6.87 30.43
H52 MES J . 19.69 6.61 31.98
H61 MES J . 21.73 7.50 33.17
H62 MES J . 22.06 6.02 32.25
H71 MES J . 18.21 8.08 30.64
H72 MES J . 19.06 9.36 29.79
H81 MES J . 17.70 10.86 30.83
H82 MES J . 18.52 10.46 32.36
O1 MES K . 25.15 -13.76 -16.59
C2 MES K . 24.56 -13.15 -17.74
C3 MES K . 24.99 -11.71 -17.99
N4 MES K . 26.41 -11.55 -17.69
C5 MES K . 27.00 -12.18 -16.52
C6 MES K . 26.56 -13.64 -16.52
C7 MES K . 27.11 -10.49 -18.38
C8 MES K . 28.31 -10.09 -17.54
S MES K . 28.75 -8.55 -17.98
O1S MES K . 28.43 -8.28 -19.40
O2S MES K . 28.00 -7.60 -17.14
O3S MES K . 30.20 -8.37 -17.71
H21 MES K . 23.47 -13.16 -17.61
H22 MES K . 24.77 -13.75 -18.63
H31 MES K . 24.41 -11.03 -17.35
H32 MES K . 24.82 -11.45 -19.03
H51 MES K . 26.66 -11.69 -15.61
H52 MES K . 28.09 -12.11 -16.55
H61 MES K . 26.99 -14.13 -17.40
H62 MES K . 26.93 -14.15 -15.63
H71 MES K . 26.45 -9.62 -18.52
H72 MES K . 27.44 -10.83 -19.37
H81 MES K . 29.14 -10.79 -17.71
H82 MES K . 28.05 -10.12 -16.48
O1 MES L . 27.27 9.01 -1.71
C2 MES L . 27.04 10.36 -1.28
C3 MES L . 26.40 11.21 -2.39
N4 MES L . 26.59 10.58 -3.70
C5 MES L . 27.79 9.77 -4.01
C6 MES L . 28.24 9.01 -2.76
C7 MES L . 25.58 10.88 -4.75
C8 MES L . 26.12 10.53 -6.14
S MES L . 24.89 10.44 -7.27
O1S MES L . 23.80 9.53 -6.90
O2S MES L . 25.48 9.89 -8.50
O3S MES L . 24.37 11.79 -7.49
H21 MES L . 28.00 10.81 -1.01
H22 MES L . 26.40 10.37 -0.40
H31 MES L . 26.83 12.21 -2.40
H32 MES L . 25.33 11.30 -2.19
H51 MES L . 28.59 10.44 -4.35
H52 MES L . 27.58 9.09 -4.82
H61 MES L . 28.44 7.97 -3.04
H62 MES L . 29.19 9.43 -2.40
H71 MES L . 25.33 11.95 -4.71
H72 MES L . 24.68 10.30 -4.55
H81 MES L . 26.64 9.58 -6.09
H82 MES L . 26.84 11.29 -6.44
#